data_5JK2
#
_entry.id   5JK2
#
_cell.length_a   144.720
_cell.length_b   144.720
_cell.length_c   152.610
_cell.angle_alpha   90.000
_cell.angle_beta   90.000
_cell.angle_gamma   120.000
#
_symmetry.space_group_name_H-M   'P 31 2 1'
#
loop_
_entity.id
_entity.type
_entity.pdbx_description
1 polymer Tp0751
2 water water
#
_entity_poly.entity_id   1
_entity_poly.type   'polypeptide(L)'
_entity_poly.pdbx_seq_one_letter_code
;GSMASHGNAPPAPVGGAAQTHTQPPVQTAMRIALWNRATHGEQGALQHLLAGLWIQTEISPNSGDIHPLLFFDREHAEIT
FSRASVQEIFLVDSAHTHRKTVSFLTRNTAISSIRRRLEVTFESHAVIHVRAVEDVARLKIGSTSMWDGQYTRYHAGPAS
APSPAAA
;
_entity_poly.pdbx_strand_id   A,B,C,D,E,F,G,H,I
#
# COMPACT_ATOMS: atom_id res chain seq x y z
N GLN A 23 23.63 -12.81 5.51
CA GLN A 23 22.72 -11.68 5.61
C GLN A 23 21.30 -12.16 5.93
N PRO A 24 20.47 -11.27 6.50
CA PRO A 24 19.11 -11.64 6.89
C PRO A 24 18.11 -11.55 5.74
N PRO A 25 16.84 -11.96 5.97
CA PRO A 25 15.80 -11.82 4.96
C PRO A 25 15.55 -10.35 4.62
N VAL A 26 14.79 -10.11 3.54
CA VAL A 26 14.51 -8.75 3.08
C VAL A 26 13.80 -7.92 4.14
N GLN A 27 12.64 -8.38 4.58
CA GLN A 27 11.82 -7.62 5.52
C GLN A 27 12.58 -7.34 6.82
N THR A 28 13.45 -8.26 7.22
CA THR A 28 14.23 -8.09 8.43
C THR A 28 15.16 -6.89 8.31
N ALA A 29 15.81 -6.78 7.15
CA ALA A 29 16.71 -5.67 6.89
C ALA A 29 15.94 -4.35 6.89
N MET A 30 14.72 -4.39 6.35
CA MET A 30 13.87 -3.21 6.29
C MET A 30 13.57 -2.68 7.68
N ARG A 31 13.44 -3.58 8.64
CA ARG A 31 13.23 -3.19 10.03
C ARG A 31 14.50 -2.54 10.58
N ILE A 32 15.64 -3.10 10.21
CA ILE A 32 16.92 -2.55 10.64
C ILE A 32 17.17 -1.22 9.93
N ALA A 33 16.77 -1.15 8.67
CA ALA A 33 16.87 0.10 7.91
C ALA A 33 15.99 1.15 8.54
N LEU A 34 14.73 0.78 8.78
CA LEU A 34 13.75 1.65 9.43
C LEU A 34 14.27 2.05 10.81
N TRP A 35 14.88 1.11 11.50
CA TRP A 35 15.45 1.34 12.82
C TRP A 35 16.54 2.40 12.77
N ASN A 36 17.43 2.28 11.80
CA ASN A 36 18.53 3.21 11.64
C ASN A 36 18.04 4.65 11.43
N ARG A 37 16.91 4.79 10.74
CA ARG A 37 16.34 6.11 10.50
C ARG A 37 15.77 6.72 11.78
N ALA A 38 15.61 5.89 12.81
CA ALA A 38 15.05 6.33 14.08
C ALA A 38 16.13 6.47 15.15
N THR A 39 17.23 5.74 14.99
CA THR A 39 18.33 5.79 15.93
C THR A 39 18.83 7.21 16.14
N HIS A 40 19.51 7.76 15.14
CA HIS A 40 20.01 9.12 15.19
C HIS A 40 19.18 10.02 14.28
N GLY A 41 18.57 9.42 13.26
CA GLY A 41 17.80 10.17 12.28
C GLY A 41 16.66 10.93 12.91
N GLU A 42 16.04 10.33 13.94
CA GLU A 42 14.92 10.94 14.64
C GLU A 42 13.81 11.28 13.64
N GLN A 43 13.66 10.45 12.62
CA GLN A 43 12.62 10.61 11.62
C GLN A 43 11.25 10.53 12.28
N GLY A 44 10.23 10.98 11.57
CA GLY A 44 8.87 11.03 12.07
C GLY A 44 8.41 9.80 12.83
N ALA A 45 8.56 8.62 12.22
CA ALA A 45 7.98 7.40 12.77
C ALA A 45 8.99 6.37 13.26
N LEU A 46 9.03 6.18 14.58
CA LEU A 46 9.65 5.02 15.20
C LEU A 46 8.54 4.01 15.51
N GLN A 47 7.31 4.52 15.57
CA GLN A 47 6.14 3.71 15.86
C GLN A 47 5.97 2.61 14.82
N HIS A 48 6.43 2.89 13.60
CA HIS A 48 6.27 1.98 12.48
C HIS A 48 6.90 0.62 12.78
N LEU A 49 7.87 0.62 13.70
CA LEU A 49 8.52 -0.61 14.13
C LEU A 49 7.65 -1.39 15.10
N LEU A 50 6.71 -0.71 15.76
CA LEU A 50 5.87 -1.36 16.75
C LEU A 50 4.74 -2.16 16.11
N ALA A 51 4.29 -1.72 14.95
CA ALA A 51 3.20 -2.38 14.24
C ALA A 51 3.45 -3.87 14.09
N GLY A 52 2.70 -4.67 14.86
CA GLY A 52 2.81 -6.12 14.81
C GLY A 52 2.65 -6.77 16.16
N LEU A 53 2.93 -8.07 16.21
CA LEU A 53 2.76 -8.86 17.43
C LEU A 53 4.02 -8.85 18.28
N TRP A 54 3.84 -8.72 19.59
CA TRP A 54 4.96 -8.73 20.53
C TRP A 54 4.68 -9.69 21.68
N ILE A 55 5.65 -10.55 21.99
CA ILE A 55 5.50 -11.55 23.04
C ILE A 55 6.46 -11.26 24.19
N GLN A 56 5.96 -11.35 25.41
CA GLN A 56 6.75 -10.98 26.58
C GLN A 56 7.83 -12.03 26.89
N THR A 57 8.96 -11.55 27.42
CA THR A 57 10.06 -12.42 27.86
C THR A 57 9.96 -12.63 29.37
N GLU A 58 10.64 -13.66 29.89
CA GLU A 58 10.52 -14.12 31.27
C GLU A 58 9.15 -14.75 31.50
N ASP A 65 5.25 -20.78 31.94
CA ASP A 65 4.11 -19.89 32.17
C ASP A 65 3.57 -19.30 30.87
N ILE A 66 2.48 -18.55 30.98
CA ILE A 66 1.82 -17.96 29.82
C ILE A 66 2.31 -16.53 29.56
N HIS A 67 2.61 -16.24 28.30
CA HIS A 67 3.22 -14.97 27.91
C HIS A 67 2.15 -13.92 27.60
N PRO A 68 2.21 -12.76 28.29
CA PRO A 68 1.38 -11.62 27.87
C PRO A 68 1.75 -11.16 26.46
N LEU A 69 0.74 -10.76 25.68
CA LEU A 69 0.95 -10.36 24.29
C LEU A 69 0.50 -8.95 24.02
N LEU A 70 1.29 -8.22 23.24
CA LEU A 70 0.91 -6.91 22.75
C LEU A 70 0.90 -6.91 21.23
N PHE A 71 -0.22 -6.48 20.65
CA PHE A 71 -0.30 -6.24 19.23
C PHE A 71 -0.66 -4.78 18.99
N PHE A 72 0.24 -4.06 18.32
CA PHE A 72 0.01 -2.66 17.99
C PHE A 72 -0.61 -2.56 16.60
N ASP A 73 -1.92 -2.31 16.57
CA ASP A 73 -2.65 -2.23 15.31
C ASP A 73 -2.50 -0.83 14.69
N ARG A 74 -1.57 -0.71 13.77
CA ARG A 74 -1.23 0.58 13.17
C ARG A 74 -2.40 1.19 12.40
N GLU A 75 -3.12 0.34 11.68
CA GLU A 75 -4.22 0.80 10.83
C GLU A 75 -5.31 1.48 11.65
N HIS A 76 -5.72 0.85 12.73
CA HIS A 76 -6.82 1.36 13.54
C HIS A 76 -6.32 2.08 14.78
N ALA A 77 -5.01 2.25 14.88
CA ALA A 77 -4.40 2.92 16.03
C ALA A 77 -4.92 2.36 17.33
N GLU A 78 -4.77 1.04 17.49
CA GLU A 78 -5.20 0.32 18.67
C GLU A 78 -4.06 -0.46 19.27
N ILE A 79 -4.24 -0.92 20.51
CA ILE A 79 -3.28 -1.79 21.14
C ILE A 79 -4.04 -2.88 21.88
N THR A 80 -3.89 -4.11 21.40
CA THR A 80 -4.62 -5.24 21.97
C THR A 80 -3.76 -5.92 23.01
N PHE A 81 -4.35 -6.12 24.19
CA PHE A 81 -3.67 -6.76 25.31
C PHE A 81 -4.24 -8.15 25.55
N SER A 82 -3.39 -9.17 25.49
CA SER A 82 -3.83 -10.55 25.60
C SER A 82 -2.99 -11.39 26.55
N ARG A 83 -3.68 -12.23 27.32
CA ARG A 83 -3.05 -13.27 28.12
C ARG A 83 -4.07 -14.35 28.41
N ALA A 84 -4.21 -15.29 27.47
CA ALA A 84 -5.18 -16.37 27.57
C ALA A 84 -6.61 -15.82 27.64
N SER A 85 -7.29 -16.03 28.78
CA SER A 85 -8.66 -15.53 28.97
C SER A 85 -8.71 -14.02 28.85
N VAL A 86 -7.64 -13.36 29.26
CA VAL A 86 -7.53 -11.92 29.13
C VAL A 86 -7.38 -11.52 27.67
N GLN A 87 -8.29 -10.68 27.19
CA GLN A 87 -8.15 -10.06 25.89
C GLN A 87 -8.91 -8.75 25.93
N GLU A 88 -8.27 -7.69 25.42
CA GLU A 88 -8.85 -6.35 25.49
C GLU A 88 -8.09 -5.39 24.59
N ILE A 89 -8.76 -4.31 24.19
CA ILE A 89 -8.19 -3.33 23.28
C ILE A 89 -8.30 -1.94 23.85
N PHE A 90 -7.28 -1.12 23.59
CA PHE A 90 -7.29 0.29 23.97
C PHE A 90 -6.95 1.16 22.78
N LEU A 91 -7.87 2.05 22.42
CA LEU A 91 -7.66 2.97 21.32
C LEU A 91 -6.65 4.03 21.70
N VAL A 92 -5.73 4.33 20.80
CA VAL A 92 -4.69 5.32 21.07
C VAL A 92 -5.24 6.74 20.94
N ASP A 93 -5.32 7.43 22.06
CA ASP A 93 -5.77 8.81 22.07
C ASP A 93 -4.61 9.75 21.73
N SER A 94 -3.40 9.32 22.05
CA SER A 94 -2.19 10.06 21.69
C SER A 94 -0.97 9.14 21.71
N ALA A 95 0.09 9.57 21.01
CA ALA A 95 1.32 8.81 20.94
C ALA A 95 2.49 9.71 20.54
N HIS A 96 3.53 9.71 21.37
CA HIS A 96 4.68 10.59 21.17
C HIS A 96 6.00 9.82 21.24
N THR A 97 6.91 10.15 20.33
CA THR A 97 8.24 9.56 20.31
C THR A 97 9.26 10.55 20.85
N HIS A 98 10.17 10.07 21.70
CA HIS A 98 11.31 10.86 22.13
C HIS A 98 12.54 9.96 22.27
N ARG A 99 13.54 10.22 21.44
CA ARG A 99 14.77 9.43 21.43
C ARG A 99 14.47 7.96 21.13
N LYS A 100 14.33 7.13 22.17
CA LYS A 100 14.11 5.71 22.01
C LYS A 100 12.88 5.24 22.78
N THR A 101 11.94 6.16 22.99
CA THR A 101 10.75 5.87 23.79
C THR A 101 9.48 6.39 23.12
N VAL A 102 8.55 5.47 22.85
CA VAL A 102 7.20 5.84 22.44
C VAL A 102 6.31 5.82 23.67
N SER A 103 5.62 6.94 23.91
CA SER A 103 4.74 7.06 25.07
C SER A 103 3.28 7.18 24.63
N PHE A 104 2.50 6.16 24.98
CA PHE A 104 1.11 6.07 24.56
C PHE A 104 0.12 6.53 25.63
N LEU A 105 -0.98 7.12 25.18
CA LEU A 105 -2.15 7.33 26.02
C LEU A 105 -3.31 6.62 25.34
N THR A 106 -3.71 5.49 25.89
CA THR A 106 -4.72 4.64 25.27
C THR A 106 -5.99 4.61 26.12
N ARG A 107 -7.09 4.16 25.52
CA ARG A 107 -8.38 4.19 26.18
C ARG A 107 -9.22 2.96 25.84
N ASN A 108 -9.74 2.30 26.87
CA ASN A 108 -10.54 1.10 26.70
C ASN A 108 -11.69 1.32 25.72
N THR A 109 -11.98 0.29 24.92
CA THR A 109 -13.00 0.39 23.88
C THR A 109 -14.41 0.51 24.45
N ALA A 110 -14.69 -0.25 25.50
CA ALA A 110 -16.02 -0.28 26.09
C ALA A 110 -16.25 0.92 27.00
N ILE A 111 -15.32 1.16 27.91
CA ILE A 111 -15.46 2.18 28.94
C ILE A 111 -14.41 3.29 28.83
N SER A 112 -14.87 4.51 28.56
CA SER A 112 -13.98 5.65 28.40
C SER A 112 -13.29 6.00 29.71
N SER A 113 -13.91 5.62 30.82
CA SER A 113 -13.37 5.90 32.15
C SER A 113 -12.03 5.23 32.37
N ILE A 114 -11.85 4.06 31.75
CA ILE A 114 -10.67 3.26 31.95
C ILE A 114 -9.69 3.46 30.79
N ARG A 115 -8.48 3.87 31.13
CA ARG A 115 -7.46 4.18 30.16
C ARG A 115 -6.16 3.52 30.60
N ARG A 116 -5.11 3.66 29.79
CA ARG A 116 -3.84 2.99 30.10
C ARG A 116 -2.66 3.72 29.46
N ARG A 117 -1.68 4.08 30.30
CA ARG A 117 -0.45 4.72 29.84
C ARG A 117 0.63 3.69 29.61
N LEU A 118 1.38 3.87 28.51
CA LEU A 118 2.41 2.93 28.12
C LEU A 118 3.75 3.64 27.92
N GLU A 119 4.82 2.95 28.27
CA GLU A 119 6.17 3.48 28.09
C GLU A 119 7.04 2.47 27.36
N VAL A 120 6.87 2.41 26.04
CA VAL A 120 7.59 1.46 25.20
C VAL A 120 9.00 1.96 24.89
N THR A 121 9.99 1.31 25.50
CA THR A 121 11.39 1.67 25.29
C THR A 121 12.08 0.62 24.43
N PHE A 122 12.47 1.04 23.23
CA PHE A 122 13.16 0.16 22.30
C PHE A 122 14.59 -0.15 22.74
N GLU A 123 14.99 -1.40 22.56
CA GLU A 123 16.37 -1.82 22.79
C GLU A 123 16.97 -2.21 21.44
N SER A 124 16.12 -2.76 20.58
CA SER A 124 16.50 -3.12 19.23
C SER A 124 15.27 -3.03 18.35
N HIS A 125 15.42 -3.33 17.07
CA HIS A 125 14.30 -3.21 16.15
C HIS A 125 13.20 -4.23 16.48
N ALA A 126 13.58 -5.31 17.16
CA ALA A 126 12.63 -6.36 17.52
C ALA A 126 12.72 -6.70 19.01
N VAL A 127 13.19 -5.73 19.79
CA VAL A 127 13.31 -5.90 21.23
C VAL A 127 12.96 -4.59 21.94
N ILE A 128 11.95 -4.64 22.81
CA ILE A 128 11.50 -3.48 23.55
C ILE A 128 11.40 -3.78 25.03
N HIS A 129 11.08 -2.77 25.82
CA HIS A 129 10.74 -2.96 27.23
C HIS A 129 9.54 -2.06 27.56
N VAL A 130 8.50 -2.67 28.11
CA VAL A 130 7.24 -1.97 28.33
C VAL A 130 6.96 -1.72 29.81
N ARG A 131 6.43 -0.53 30.10
CA ARG A 131 5.91 -0.20 31.42
C ARG A 131 4.49 0.30 31.22
N ALA A 132 3.56 -0.27 31.97
CA ALA A 132 2.15 0.08 31.84
C ALA A 132 1.60 0.63 33.16
N VAL A 133 0.68 1.58 33.04
CA VAL A 133 0.07 2.21 34.20
C VAL A 133 -1.39 2.51 33.93
N GLU A 134 -2.27 1.93 34.74
CA GLU A 134 -3.70 2.15 34.56
C GLU A 134 -4.08 3.56 34.97
N ASP A 135 -5.27 3.96 34.56
CA ASP A 135 -5.79 5.30 34.81
C ASP A 135 -7.32 5.26 34.78
N VAL A 136 -7.92 4.84 35.88
CA VAL A 136 -9.38 4.76 35.97
C VAL A 136 -9.94 6.07 36.49
N ALA A 137 -11.19 6.36 36.14
CA ALA A 137 -11.80 7.66 36.42
C ALA A 137 -10.91 8.76 35.82
N ARG A 138 -10.10 9.43 36.63
CA ARG A 138 -9.16 10.42 36.09
C ARG A 138 -7.79 10.55 36.77
N LEU A 139 -7.55 9.87 37.90
CA LEU A 139 -6.21 9.87 38.51
C LEU A 139 -5.47 8.56 38.18
N LYS A 140 -4.23 8.68 37.73
CA LYS A 140 -3.45 7.52 37.30
C LYS A 140 -2.93 6.77 38.53
N ILE A 141 -3.05 5.44 38.49
CA ILE A 141 -2.69 4.58 39.62
C ILE A 141 -1.69 3.53 39.13
N GLY A 142 -0.46 3.58 39.65
CA GLY A 142 0.68 2.98 38.96
C GLY A 142 1.57 2.08 39.80
N SER A 143 1.03 0.95 40.25
CA SER A 143 1.87 -0.16 40.74
C SER A 143 2.40 -0.94 39.53
N THR A 144 3.19 -1.99 39.78
CA THR A 144 3.68 -2.87 38.70
C THR A 144 2.51 -3.53 37.99
N SER A 145 2.65 -3.69 36.67
CA SER A 145 1.58 -4.27 35.86
C SER A 145 1.97 -5.68 35.38
N MET A 146 0.96 -6.44 34.97
CA MET A 146 1.20 -7.76 34.41
C MET A 146 1.83 -7.64 33.02
N TRP A 147 1.68 -6.45 32.44
CA TRP A 147 2.19 -6.18 31.09
C TRP A 147 3.63 -5.66 31.13
N ASP A 148 4.08 -5.20 32.30
CA ASP A 148 5.45 -4.76 32.46
C ASP A 148 6.42 -5.88 32.15
N GLY A 149 7.47 -5.56 31.39
CA GLY A 149 8.51 -6.52 31.07
C GLY A 149 9.08 -6.34 29.69
N GLN A 150 9.98 -7.25 29.32
CA GLN A 150 10.62 -7.21 28.02
C GLN A 150 9.77 -7.95 26.99
N TYR A 151 9.70 -7.41 25.79
CA TYR A 151 8.98 -8.05 24.69
C TYR A 151 9.88 -8.25 23.48
N THR A 152 9.51 -9.19 22.62
CA THR A 152 10.20 -9.41 21.37
C THR A 152 9.17 -9.62 20.27
N ARG A 153 9.36 -8.95 19.14
CA ARG A 153 8.41 -9.07 18.05
C ARG A 153 8.48 -10.46 17.43
N TYR A 154 7.34 -10.95 16.98
CA TYR A 154 7.27 -12.31 16.42
C TYR A 154 7.81 -12.35 15.01
N HIS A 155 8.64 -13.36 14.74
CA HIS A 155 9.18 -13.60 13.41
C HIS A 155 9.30 -15.11 13.19
N ALA A 156 9.03 -15.55 11.97
CA ALA A 156 9.05 -16.97 11.61
C ALA A 156 10.24 -17.26 10.69
N GLN B 23 -20.13 34.99 2.00
CA GLN B 23 -19.30 33.80 1.88
C GLN B 23 -19.48 32.90 3.10
N PRO B 24 -19.22 31.58 2.93
CA PRO B 24 -19.35 30.64 4.04
C PRO B 24 -18.17 30.67 5.02
N PRO B 25 -18.31 30.03 6.20
CA PRO B 25 -17.22 29.89 7.17
C PRO B 25 -15.95 29.31 6.55
N VAL B 26 -14.85 29.40 7.30
CA VAL B 26 -13.55 28.97 6.79
C VAL B 26 -13.52 27.47 6.51
N GLN B 27 -14.02 26.67 7.44
CA GLN B 27 -13.92 25.22 7.33
C GLN B 27 -14.82 24.67 6.22
N THR B 28 -15.89 25.39 5.91
CA THR B 28 -16.84 24.95 4.89
C THR B 28 -16.24 25.08 3.49
N ALA B 29 -15.53 26.17 3.24
CA ALA B 29 -14.90 26.40 1.95
C ALA B 29 -13.84 25.34 1.69
N MET B 30 -13.10 24.97 2.73
CA MET B 30 -12.07 23.94 2.63
C MET B 30 -12.68 22.61 2.23
N ARG B 31 -13.85 22.30 2.76
CA ARG B 31 -14.55 21.09 2.40
C ARG B 31 -14.90 21.12 0.92
N ILE B 32 -15.39 22.28 0.46
CA ILE B 32 -15.71 22.46 -0.95
C ILE B 32 -14.43 22.46 -1.78
N ALA B 33 -13.37 23.02 -1.21
CA ALA B 33 -12.06 23.02 -1.85
C ALA B 33 -11.54 21.58 -1.94
N LEU B 34 -11.70 20.85 -0.85
CA LEU B 34 -11.29 19.45 -0.81
C LEU B 34 -12.18 18.63 -1.74
N TRP B 35 -13.45 19.00 -1.78
CA TRP B 35 -14.43 18.36 -2.64
C TRP B 35 -14.08 18.54 -4.12
N ASN B 36 -13.70 19.75 -4.47
CA ASN B 36 -13.33 20.08 -5.84
C ASN B 36 -12.19 19.22 -6.36
N ARG B 37 -11.24 18.91 -5.49
CA ARG B 37 -10.07 18.11 -5.87
C ARG B 37 -10.50 16.69 -6.24
N ALA B 38 -11.56 16.22 -5.61
CA ALA B 38 -12.04 14.86 -5.82
C ALA B 38 -12.92 14.74 -7.05
N THR B 39 -13.64 15.82 -7.36
CA THR B 39 -14.63 15.80 -8.42
C THR B 39 -14.05 15.55 -9.80
N HIS B 40 -12.89 16.15 -10.07
CA HIS B 40 -12.24 16.03 -11.37
C HIS B 40 -10.79 15.65 -11.21
N GLY B 41 -10.12 16.27 -10.23
CA GLY B 41 -8.74 15.96 -9.94
C GLY B 41 -8.56 14.51 -9.59
N GLU B 42 -9.62 13.90 -9.07
CA GLU B 42 -9.60 12.48 -8.70
C GLU B 42 -8.44 12.24 -7.73
N GLN B 43 -8.30 13.14 -6.76
CA GLN B 43 -7.24 13.05 -5.78
C GLN B 43 -7.40 11.79 -4.94
N GLY B 44 -6.35 11.46 -4.19
CA GLY B 44 -6.33 10.24 -3.39
C GLY B 44 -7.54 10.03 -2.49
N ALA B 45 -7.85 11.02 -1.65
CA ALA B 45 -8.85 10.86 -0.61
C ALA B 45 -10.13 11.67 -0.83
N LEU B 46 -11.18 10.97 -1.26
CA LEU B 46 -12.55 11.47 -1.15
C LEU B 46 -13.06 11.10 0.24
N GLN B 47 -12.40 10.11 0.84
CA GLN B 47 -12.77 9.62 2.16
C GLN B 47 -12.46 10.66 3.21
N HIS B 48 -11.52 11.56 2.90
CA HIS B 48 -11.12 12.59 3.84
C HIS B 48 -12.32 13.48 4.20
N LEU B 49 -13.33 13.47 3.33
CA LEU B 49 -14.54 14.24 3.57
C LEU B 49 -15.52 13.50 4.47
N LEU B 50 -15.56 12.17 4.33
CA LEU B 50 -16.48 11.35 5.10
C LEU B 50 -16.21 11.45 6.60
N ALA B 51 -14.94 11.64 6.95
CA ALA B 51 -14.54 11.74 8.35
C ALA B 51 -15.41 12.73 9.10
N GLY B 52 -16.21 12.21 10.03
CA GLY B 52 -17.10 13.04 10.82
C GLY B 52 -18.46 12.41 11.02
N LEU B 53 -19.37 13.18 11.61
CA LEU B 53 -20.71 12.69 11.94
C LEU B 53 -21.66 12.88 10.77
N TRP B 54 -22.52 11.89 10.54
CA TRP B 54 -23.53 11.97 9.49
C TRP B 54 -24.89 11.50 10.01
N ILE B 55 -25.92 12.31 9.77
CA ILE B 55 -27.28 12.00 10.21
C ILE B 55 -28.17 11.73 9.00
N GLN B 56 -29.03 10.72 9.10
CA GLN B 56 -29.90 10.37 7.98
C GLN B 56 -31.06 11.35 7.85
N THR B 57 -31.63 11.42 6.64
CA THR B 57 -32.76 12.29 6.37
C THR B 57 -34.07 11.50 6.37
N ASP B 65 -39.72 10.73 14.92
CA ASP B 65 -39.03 9.44 14.91
C ASP B 65 -37.52 9.64 15.03
N ILE B 66 -36.78 8.54 15.15
CA ILE B 66 -35.34 8.57 15.41
C ILE B 66 -34.53 8.42 14.14
N HIS B 67 -33.39 9.10 14.09
CA HIS B 67 -32.54 9.12 12.90
C HIS B 67 -31.35 8.17 13.02
N PRO B 68 -31.11 7.34 11.98
CA PRO B 68 -29.87 6.57 11.93
C PRO B 68 -28.64 7.46 11.78
N LEU B 69 -27.60 7.19 12.58
CA LEU B 69 -26.38 7.98 12.56
C LEU B 69 -25.19 7.16 12.05
N LEU B 70 -24.29 7.85 11.34
CA LEU B 70 -23.03 7.25 10.90
C LEU B 70 -21.87 8.16 11.24
N PHE B 71 -20.84 7.62 11.89
CA PHE B 71 -19.62 8.37 12.16
C PHE B 71 -18.42 7.63 11.63
N PHE B 72 -17.72 8.27 10.69
CA PHE B 72 -16.52 7.68 10.10
C PHE B 72 -15.28 8.15 10.86
N ASP B 73 -14.73 7.26 11.65
CA ASP B 73 -13.55 7.55 12.46
C ASP B 73 -12.27 7.39 11.64
N ARG B 74 -11.73 8.50 11.16
CA ARG B 74 -10.54 8.49 10.35
C ARG B 74 -9.31 8.13 11.19
N GLU B 75 -9.39 8.43 12.48
CA GLU B 75 -8.29 8.14 13.40
C GLU B 75 -8.04 6.64 13.51
N HIS B 76 -9.09 5.90 13.82
CA HIS B 76 -8.97 4.48 14.09
C HIS B 76 -9.57 3.63 12.97
N ALA B 77 -9.72 4.24 11.80
CA ALA B 77 -10.25 3.54 10.63
C ALA B 77 -11.48 2.73 11.01
N GLU B 78 -12.52 3.44 11.42
CA GLU B 78 -13.64 2.83 12.10
C GLU B 78 -14.96 3.53 11.77
N ILE B 79 -16.02 2.76 11.61
CA ILE B 79 -17.35 3.31 11.38
C ILE B 79 -18.30 2.83 12.47
N THR B 80 -19.13 3.75 12.96
CA THR B 80 -20.08 3.45 14.02
C THR B 80 -21.50 3.70 13.54
N PHE B 81 -22.37 2.72 13.80
CA PHE B 81 -23.77 2.80 13.38
C PHE B 81 -24.67 3.01 14.59
N SER B 82 -25.30 4.18 14.66
CA SER B 82 -26.07 4.56 15.84
C SER B 82 -27.53 4.83 15.51
N ARG B 83 -28.41 4.40 16.41
CA ARG B 83 -29.85 4.55 16.27
C ARG B 83 -30.49 4.19 17.60
N ALA B 84 -30.53 5.19 18.48
CA ALA B 84 -31.07 5.01 19.83
C ALA B 84 -30.35 3.89 20.58
N SER B 85 -31.08 2.85 20.96
CA SER B 85 -30.50 1.71 21.68
C SER B 85 -29.47 0.98 20.83
N VAL B 86 -29.55 1.17 19.52
CA VAL B 86 -28.60 0.58 18.60
C VAL B 86 -27.31 1.39 18.57
N GLN B 87 -26.20 0.76 18.95
CA GLN B 87 -24.88 1.33 18.75
C GLN B 87 -23.91 0.19 18.48
N GLU B 88 -23.16 0.30 17.41
CA GLU B 88 -22.30 -0.78 16.97
C GLU B 88 -21.19 -0.27 16.07
N ILE B 89 -20.04 -0.94 16.13
CA ILE B 89 -18.84 -0.50 15.43
C ILE B 89 -18.33 -1.56 14.46
N PHE B 90 -17.82 -1.11 13.33
CA PHE B 90 -17.19 -2.00 12.36
C PHE B 90 -15.82 -1.49 11.97
N LEU B 91 -14.84 -2.39 12.05
CA LEU B 91 -13.48 -2.08 11.64
C LEU B 91 -13.34 -2.19 10.13
N VAL B 92 -12.93 -1.10 9.50
CA VAL B 92 -12.78 -1.06 8.06
C VAL B 92 -11.54 -1.82 7.60
N ASP B 93 -11.75 -2.90 6.86
CA ASP B 93 -10.66 -3.71 6.35
C ASP B 93 -10.17 -3.16 5.01
N SER B 94 -11.07 -2.55 4.25
CA SER B 94 -10.73 -1.98 2.97
C SER B 94 -11.60 -0.77 2.63
N ALA B 95 -11.04 0.16 1.86
CA ALA B 95 -11.76 1.35 1.42
C ALA B 95 -11.17 1.87 0.13
N HIS B 96 -11.98 1.91 -0.92
CA HIS B 96 -11.55 2.39 -2.22
C HIS B 96 -12.58 3.34 -2.83
N THR B 97 -12.09 4.34 -3.54
CA THR B 97 -12.94 5.38 -4.12
C THR B 97 -13.00 5.25 -5.65
N HIS B 98 -14.21 5.26 -6.18
CA HIS B 98 -14.43 5.30 -7.63
C HIS B 98 -15.40 6.42 -7.97
N ARG B 99 -14.96 7.34 -8.82
CA ARG B 99 -15.74 8.51 -9.20
C ARG B 99 -16.15 9.31 -7.96
N LYS B 100 -17.40 9.16 -7.52
CA LYS B 100 -17.91 9.86 -6.35
C LYS B 100 -18.51 8.87 -5.36
N THR B 101 -18.04 7.62 -5.44
CA THR B 101 -18.52 6.54 -4.60
C THR B 101 -17.36 5.94 -3.81
N VAL B 102 -17.60 5.67 -2.53
CA VAL B 102 -16.60 5.02 -1.67
C VAL B 102 -17.12 3.67 -1.21
N SER B 103 -16.45 2.61 -1.62
CA SER B 103 -16.84 1.25 -1.25
C SER B 103 -16.05 0.78 -0.04
N PHE B 104 -16.76 0.41 1.02
CA PHE B 104 -16.15 -0.07 2.25
C PHE B 104 -16.39 -1.55 2.47
N LEU B 105 -15.37 -2.27 2.91
CA LEU B 105 -15.54 -3.60 3.47
C LEU B 105 -15.13 -3.53 4.93
N THR B 106 -16.11 -3.64 5.81
CA THR B 106 -15.90 -3.47 7.23
C THR B 106 -16.13 -4.80 7.95
N ARG B 107 -15.93 -4.79 9.27
CA ARG B 107 -16.08 -6.01 10.06
C ARG B 107 -16.34 -5.67 11.52
N ASN B 108 -17.37 -6.28 12.08
CA ASN B 108 -17.78 -5.99 13.45
C ASN B 108 -16.69 -6.32 14.47
N THR B 109 -16.51 -5.42 15.43
CA THR B 109 -15.47 -5.59 16.46
C THR B 109 -15.63 -6.88 17.24
N ALA B 110 -16.87 -7.21 17.60
CA ALA B 110 -17.13 -8.34 18.48
C ALA B 110 -16.95 -9.69 17.78
N ILE B 111 -17.42 -9.79 16.54
CA ILE B 111 -17.43 -11.08 15.83
C ILE B 111 -16.99 -10.93 14.37
N SER B 112 -15.91 -11.63 14.03
CA SER B 112 -15.30 -11.53 12.71
C SER B 112 -16.18 -12.15 11.62
N SER B 113 -17.11 -13.01 12.02
CA SER B 113 -18.02 -13.62 11.08
C SER B 113 -18.93 -12.57 10.44
N ILE B 114 -19.40 -11.64 11.26
CA ILE B 114 -20.31 -10.61 10.81
C ILE B 114 -19.56 -9.42 10.24
N ARG B 115 -19.70 -9.23 8.93
CA ARG B 115 -19.08 -8.11 8.24
C ARG B 115 -20.18 -7.26 7.62
N ARG B 116 -19.81 -6.14 7.02
CA ARG B 116 -20.79 -5.21 6.46
C ARG B 116 -20.19 -4.38 5.33
N ARG B 117 -20.84 -4.41 4.17
CA ARG B 117 -20.37 -3.66 3.00
C ARG B 117 -21.10 -2.32 2.90
N LEU B 118 -20.34 -1.26 2.65
CA LEU B 118 -20.89 0.09 2.62
C LEU B 118 -20.62 0.75 1.27
N GLU B 119 -21.69 1.16 0.60
CA GLU B 119 -21.57 1.91 -0.64
C GLU B 119 -22.04 3.34 -0.42
N VAL B 120 -21.08 4.26 -0.32
CA VAL B 120 -21.37 5.65 0.00
C VAL B 120 -21.14 6.57 -1.20
N THR B 121 -22.20 7.22 -1.65
CA THR B 121 -22.14 8.09 -2.83
C THR B 121 -22.32 9.56 -2.46
N PHE B 122 -21.34 10.38 -2.84
CA PHE B 122 -21.37 11.81 -2.57
C PHE B 122 -22.32 12.55 -3.51
N GLU B 123 -23.37 13.15 -2.95
CA GLU B 123 -24.25 14.03 -3.70
C GLU B 123 -23.63 15.42 -3.74
N SER B 124 -23.18 15.88 -2.58
CA SER B 124 -22.36 17.07 -2.47
C SER B 124 -21.33 16.82 -1.40
N HIS B 125 -20.48 17.79 -1.12
CA HIS B 125 -19.39 17.59 -0.17
C HIS B 125 -19.92 17.16 1.20
N ALA B 126 -21.11 17.63 1.55
CA ALA B 126 -21.72 17.33 2.84
C ALA B 126 -23.06 16.62 2.71
N VAL B 127 -23.34 16.11 1.51
CA VAL B 127 -24.54 15.33 1.26
C VAL B 127 -24.17 14.02 0.58
N ILE B 128 -24.72 12.92 1.09
CA ILE B 128 -24.36 11.59 0.61
C ILE B 128 -25.56 10.65 0.61
N HIS B 129 -25.51 9.64 -0.26
CA HIS B 129 -26.44 8.52 -0.20
C HIS B 129 -25.66 7.27 0.17
N VAL B 130 -26.23 6.46 1.06
CA VAL B 130 -25.52 5.30 1.60
C VAL B 130 -26.30 4.02 1.37
N ARG B 131 -25.58 2.98 0.95
CA ARG B 131 -26.18 1.68 0.70
C ARG B 131 -25.38 0.61 1.43
N ALA B 132 -26.05 -0.13 2.31
CA ALA B 132 -25.39 -1.11 3.16
C ALA B 132 -25.83 -2.53 2.83
N VAL B 133 -24.97 -3.49 3.15
CA VAL B 133 -25.24 -4.91 2.92
C VAL B 133 -24.67 -5.76 4.04
N GLU B 134 -25.56 -6.35 4.85
CA GLU B 134 -25.13 -7.20 5.95
C GLU B 134 -24.58 -8.52 5.45
N ASP B 135 -23.45 -8.91 6.01
CA ASP B 135 -22.75 -10.13 5.60
C ASP B 135 -22.27 -10.91 6.82
N VAL B 136 -22.90 -12.06 7.07
CA VAL B 136 -22.46 -12.95 8.14
C VAL B 136 -21.91 -14.26 7.56
N ALA B 137 -20.60 -14.42 7.65
CA ALA B 137 -19.92 -15.58 7.10
C ALA B 137 -20.27 -15.80 5.63
N ARG B 138 -20.16 -14.75 4.82
CA ARG B 138 -20.46 -14.80 3.39
C ARG B 138 -21.92 -15.19 3.13
N LEU B 139 -22.76 -15.01 4.15
CA LEU B 139 -24.19 -15.28 4.06
C LEU B 139 -24.98 -13.97 4.12
N LYS B 140 -25.68 -13.63 3.03
CA LYS B 140 -26.40 -12.37 2.92
C LYS B 140 -27.90 -12.60 2.83
N THR B 144 -32.97 -4.41 1.60
CA THR B 144 -32.47 -3.12 2.08
C THR B 144 -32.15 -3.16 3.56
N SER B 145 -31.40 -2.15 4.01
CA SER B 145 -31.00 -2.03 5.41
C SER B 145 -31.57 -0.77 6.03
N MET B 146 -31.71 -0.78 7.36
CA MET B 146 -32.23 0.38 8.08
C MET B 146 -31.30 1.57 7.93
N TRP B 147 -30.06 1.30 7.53
CA TRP B 147 -29.06 2.34 7.36
C TRP B 147 -29.09 2.94 5.96
N ASP B 148 -29.73 2.25 5.02
CA ASP B 148 -29.87 2.76 3.66
C ASP B 148 -30.60 4.09 3.67
N GLY B 149 -30.07 5.07 2.96
CA GLY B 149 -30.76 6.33 2.79
C GLY B 149 -29.84 7.51 2.54
N GLN B 150 -30.44 8.70 2.58
CA GLN B 150 -29.72 9.95 2.39
C GLN B 150 -29.23 10.48 3.73
N TYR B 151 -27.98 10.91 3.79
CA TYR B 151 -27.39 11.48 4.99
C TYR B 151 -26.84 12.88 4.74
N THR B 152 -26.64 13.64 5.81
CA THR B 152 -25.99 14.95 5.71
C THR B 152 -25.07 15.15 6.91
N ARG B 153 -23.86 15.60 6.64
CA ARG B 153 -22.88 15.79 7.70
C ARG B 153 -23.34 16.90 8.65
N TYR B 154 -23.13 16.70 9.95
CA TYR B 154 -23.57 17.68 10.94
C TYR B 154 -22.71 18.94 10.89
N HIS B 155 -23.37 20.08 11.13
CA HIS B 155 -22.69 21.36 11.22
C HIS B 155 -23.61 22.36 11.88
N ALA B 156 -23.05 23.24 12.70
CA ALA B 156 -23.82 24.26 13.38
C ALA B 156 -23.07 25.58 13.36
N GLY B 157 -23.81 26.67 13.51
CA GLY B 157 -23.23 28.00 13.51
C GLY B 157 -23.94 28.92 14.48
N GLN C 23 20.30 -32.69 22.97
CA GLN C 23 18.94 -33.05 23.37
C GLN C 23 18.13 -31.78 23.62
N PRO C 24 16.79 -31.91 23.58
CA PRO C 24 15.92 -30.72 23.70
C PRO C 24 15.69 -30.28 25.14
N PRO C 25 15.12 -29.07 25.34
CA PRO C 25 14.68 -28.60 26.66
C PRO C 25 13.76 -29.59 27.38
N VAL C 26 13.57 -29.39 28.68
CA VAL C 26 12.73 -30.28 29.47
C VAL C 26 11.28 -30.24 29.01
N GLN C 27 10.75 -29.04 28.85
CA GLN C 27 9.34 -28.88 28.49
C GLN C 27 9.07 -29.42 27.08
N THR C 28 10.02 -29.20 26.17
CA THR C 28 9.91 -29.74 24.82
C THR C 28 9.85 -31.26 24.86
N ALA C 29 10.71 -31.86 25.68
CA ALA C 29 10.72 -33.31 25.88
C ALA C 29 9.43 -33.77 26.56
N MET C 30 9.00 -33.02 27.57
CA MET C 30 7.78 -33.35 28.31
C MET C 30 6.58 -33.50 27.37
N ARG C 31 6.59 -32.74 26.29
CA ARG C 31 5.47 -32.72 25.35
C ARG C 31 5.51 -33.89 24.39
N ILE C 32 6.71 -34.39 24.10
CA ILE C 32 6.88 -35.52 23.19
C ILE C 32 6.37 -36.80 23.84
N ALA C 33 6.55 -36.91 25.15
CA ALA C 33 6.04 -38.06 25.89
C ALA C 33 4.52 -38.02 25.94
N LEU C 34 3.99 -36.85 26.27
CA LEU C 34 2.57 -36.61 26.23
C LEU C 34 2.03 -36.94 24.85
N TRP C 35 2.76 -36.47 23.84
CA TRP C 35 2.48 -36.79 22.45
C TRP C 35 2.56 -38.29 22.21
N ASN C 36 3.59 -38.91 22.78
CA ASN C 36 3.80 -40.35 22.61
C ASN C 36 2.65 -41.19 23.14
N ARG C 37 2.03 -40.74 24.22
CA ARG C 37 0.92 -41.49 24.82
C ARG C 37 -0.30 -41.47 23.91
N ALA C 38 -0.45 -40.40 23.14
CA ALA C 38 -1.61 -40.22 22.28
C ALA C 38 -1.45 -40.98 20.95
N THR C 39 -0.22 -41.12 20.49
CA THR C 39 0.07 -41.73 19.19
C THR C 39 -0.53 -43.13 19.05
N HIS C 40 -0.37 -43.94 20.09
CA HIS C 40 -0.82 -45.33 20.07
C HIS C 40 -1.57 -45.69 21.35
N GLY C 41 -1.13 -45.13 22.46
CA GLY C 41 -1.78 -45.36 23.74
C GLY C 41 -3.21 -44.87 23.72
N GLU C 42 -3.47 -43.86 22.89
CA GLU C 42 -4.81 -43.29 22.72
C GLU C 42 -5.36 -42.89 24.09
N GLN C 43 -4.50 -42.27 24.89
CA GLN C 43 -4.87 -41.87 26.25
C GLN C 43 -5.97 -40.82 26.25
N GLY C 44 -6.30 -40.30 27.42
CA GLY C 44 -7.39 -39.36 27.56
C GLY C 44 -7.07 -37.96 27.10
N ALA C 45 -5.79 -37.58 27.19
CA ALA C 45 -5.40 -36.18 27.02
C ALA C 45 -4.43 -35.94 25.86
N LEU C 46 -4.94 -36.01 24.64
CA LEU C 46 -4.27 -35.39 23.49
C LEU C 46 -4.64 -33.91 23.48
N GLN C 47 -5.74 -33.59 24.15
CA GLN C 47 -6.20 -32.21 24.27
C GLN C 47 -5.23 -31.35 25.07
N HIS C 48 -4.58 -31.98 26.05
CA HIS C 48 -3.64 -31.26 26.91
C HIS C 48 -2.50 -30.68 26.06
N LEU C 49 -2.25 -31.29 24.91
CA LEU C 49 -1.23 -30.80 23.98
C LEU C 49 -1.67 -29.51 23.29
N LEU C 50 -2.98 -29.29 23.20
CA LEU C 50 -3.51 -28.10 22.55
C LEU C 50 -3.37 -26.86 23.43
N ALA C 51 -3.31 -27.09 24.74
CA ALA C 51 -3.20 -25.99 25.70
C ALA C 51 -2.04 -25.06 25.34
N GLY C 52 -2.36 -23.79 25.12
CA GLY C 52 -1.36 -22.77 24.88
C GLY C 52 -1.54 -22.00 23.58
N LEU C 53 -0.53 -21.19 23.26
CA LEU C 53 -0.59 -20.27 22.13
C LEU C 53 -0.11 -20.90 20.83
N TRP C 54 -0.96 -20.83 19.80
CA TRP C 54 -0.64 -21.37 18.48
C TRP C 54 -0.70 -20.27 17.42
N ILE C 55 0.33 -20.21 16.58
CA ILE C 55 0.43 -19.20 15.53
C ILE C 55 0.30 -19.85 14.15
N GLN C 56 -0.48 -19.24 13.28
CA GLN C 56 -0.73 -19.80 11.94
C GLN C 56 0.50 -19.69 11.05
N THR C 57 0.64 -20.62 10.11
CA THR C 57 1.76 -20.64 9.18
C THR C 57 1.45 -19.80 7.94
N GLY C 64 -0.19 -6.93 5.70
CA GLY C 64 1.07 -7.37 5.12
C GLY C 64 1.36 -8.83 5.46
N ASP C 65 1.55 -9.08 6.75
CA ASP C 65 1.86 -10.42 7.23
C ASP C 65 1.30 -10.65 8.65
N ILE C 66 -0.02 -10.69 8.75
CA ILE C 66 -0.68 -10.92 10.04
C ILE C 66 -1.13 -12.37 10.17
N HIS C 67 -0.54 -13.07 11.14
CA HIS C 67 -0.82 -14.48 11.38
C HIS C 67 -1.94 -14.61 12.40
N PRO C 68 -3.02 -15.32 12.06
CA PRO C 68 -4.07 -15.57 13.04
C PRO C 68 -3.58 -16.42 14.22
N LEU C 69 -4.10 -16.14 15.41
CA LEU C 69 -3.67 -16.81 16.64
C LEU C 69 -4.77 -17.68 17.23
N LEU C 70 -4.40 -18.86 17.70
CA LEU C 70 -5.29 -19.71 18.49
C LEU C 70 -4.70 -19.94 19.86
N PHE C 71 -5.50 -19.72 20.90
CA PHE C 71 -5.10 -20.06 22.25
C PHE C 71 -6.17 -20.93 22.89
N PHE C 72 -5.75 -22.09 23.38
CA PHE C 72 -6.65 -23.01 24.07
C PHE C 72 -6.52 -22.86 25.58
N ASP C 73 -7.44 -22.09 26.15
CA ASP C 73 -7.44 -21.83 27.59
C ASP C 73 -8.06 -22.99 28.35
N ARG C 74 -7.21 -23.90 28.82
CA ARG C 74 -7.67 -25.10 29.49
C ARG C 74 -8.30 -24.81 30.85
N GLU C 75 -7.74 -23.84 31.57
CA GLU C 75 -8.23 -23.50 32.90
C GLU C 75 -9.65 -22.97 32.89
N HIS C 76 -10.11 -22.49 31.74
CA HIS C 76 -11.43 -21.90 31.63
C HIS C 76 -12.26 -22.56 30.53
N ALA C 77 -11.71 -23.59 29.92
CA ALA C 77 -12.39 -24.28 28.82
C ALA C 77 -12.83 -23.28 27.76
N GLU C 78 -11.84 -22.61 27.17
CA GLU C 78 -12.07 -21.51 26.25
C GLU C 78 -11.05 -21.49 25.14
N ILE C 79 -11.48 -21.14 23.94
CA ILE C 79 -10.57 -20.91 22.83
C ILE C 79 -10.71 -19.48 22.36
N THR C 80 -9.56 -18.81 22.21
CA THR C 80 -9.54 -17.42 21.76
C THR C 80 -9.03 -17.37 20.34
N PHE C 81 -9.58 -16.44 19.56
CA PHE C 81 -9.20 -16.26 18.16
C PHE C 81 -8.83 -14.82 17.92
N SER C 82 -7.58 -14.57 17.53
CA SER C 82 -7.10 -13.20 17.36
C SER C 82 -6.28 -12.99 16.08
N ARG C 83 -6.51 -11.86 15.46
CA ARG C 83 -5.75 -11.42 14.29
C ARG C 83 -5.74 -9.90 14.28
N ALA C 84 -4.79 -9.30 15.01
CA ALA C 84 -4.72 -7.86 15.20
C ALA C 84 -5.94 -7.34 15.97
N SER C 85 -6.64 -6.36 15.40
CA SER C 85 -7.84 -5.80 16.04
C SER C 85 -8.83 -6.90 16.39
N VAL C 86 -8.87 -7.93 15.56
CA VAL C 86 -9.73 -9.07 15.79
C VAL C 86 -9.35 -9.80 17.06
N GLN C 87 -10.33 -10.03 17.92
CA GLN C 87 -10.15 -10.91 19.06
C GLN C 87 -11.50 -11.32 19.62
N GLU C 88 -11.68 -12.63 19.80
CA GLU C 88 -12.94 -13.17 20.26
C GLU C 88 -12.69 -14.45 21.04
N ILE C 89 -13.68 -14.89 21.79
CA ILE C 89 -13.55 -16.09 22.60
C ILE C 89 -14.77 -16.98 22.44
N PHE C 90 -14.53 -18.27 22.25
CA PHE C 90 -15.60 -19.24 22.16
C PHE C 90 -15.46 -20.26 23.28
N LEU C 91 -16.51 -20.37 24.09
CA LEU C 91 -16.55 -21.35 25.16
C LEU C 91 -16.67 -22.76 24.60
N VAL C 92 -15.81 -23.65 25.07
CA VAL C 92 -15.84 -25.04 24.64
C VAL C 92 -17.01 -25.77 25.30
N ASP C 93 -18.02 -26.10 24.50
CA ASP C 93 -19.19 -26.84 24.99
C ASP C 93 -18.84 -28.31 25.12
N SER C 94 -18.22 -28.84 24.07
CA SER C 94 -17.78 -30.23 24.04
C SER C 94 -16.49 -30.37 23.23
N ALA C 95 -15.82 -31.51 23.40
CA ALA C 95 -14.58 -31.78 22.70
C ALA C 95 -14.27 -33.27 22.72
N HIS C 96 -14.15 -33.87 21.54
CA HIS C 96 -13.81 -35.28 21.40
C HIS C 96 -12.52 -35.45 20.61
N THR C 97 -11.74 -36.47 20.96
CA THR C 97 -10.59 -36.88 20.18
C THR C 97 -10.91 -38.16 19.41
N HIS C 98 -10.30 -38.31 18.24
CA HIS C 98 -10.39 -39.54 17.48
C HIS C 98 -9.18 -39.65 16.56
N ARG C 99 -8.40 -40.70 16.77
CA ARG C 99 -7.15 -40.92 16.04
C ARG C 99 -6.20 -39.74 16.29
N LYS C 100 -6.06 -38.85 15.31
CA LYS C 100 -5.16 -37.71 15.44
C LYS C 100 -5.88 -36.39 15.11
N THR C 101 -7.12 -36.27 15.55
CA THR C 101 -7.90 -35.07 15.32
C THR C 101 -8.83 -34.77 16.50
N VAL C 102 -8.68 -33.58 17.08
CA VAL C 102 -9.57 -33.12 18.14
C VAL C 102 -10.68 -32.27 17.54
N SER C 103 -11.92 -32.68 17.79
CA SER C 103 -13.09 -31.97 17.26
C SER C 103 -13.77 -31.16 18.36
N PHE C 104 -13.83 -29.85 18.16
CA PHE C 104 -14.44 -28.94 19.12
C PHE C 104 -15.78 -28.41 18.64
N LEU C 105 -16.72 -28.30 19.57
CA LEU C 105 -17.93 -27.50 19.38
C LEU C 105 -17.87 -26.38 20.40
N THR C 106 -17.72 -25.16 19.92
CA THR C 106 -17.53 -24.00 20.77
C THR C 106 -18.62 -22.96 20.51
N ARG C 107 -18.77 -22.03 21.44
CA ARG C 107 -19.86 -21.06 21.41
C ARG C 107 -19.41 -19.68 21.88
N ASN C 108 -19.78 -18.66 21.12
CA ASN C 108 -19.36 -17.29 21.41
C ASN C 108 -19.86 -16.81 22.77
N THR C 109 -18.95 -16.22 23.54
CA THR C 109 -19.26 -15.76 24.89
C THR C 109 -20.37 -14.71 24.93
N ALA C 110 -20.45 -13.89 23.90
CA ALA C 110 -21.39 -12.78 23.88
C ALA C 110 -22.76 -13.21 23.36
N ILE C 111 -22.77 -14.04 22.33
CA ILE C 111 -24.02 -14.44 21.68
C ILE C 111 -24.08 -15.95 21.45
N SER C 112 -25.02 -16.60 22.11
CA SER C 112 -25.16 -18.05 22.07
C SER C 112 -25.46 -18.56 20.66
N SER C 113 -26.25 -17.79 19.92
CA SER C 113 -26.70 -18.18 18.60
C SER C 113 -25.53 -18.49 17.68
N ILE C 114 -24.45 -17.72 17.83
CA ILE C 114 -23.26 -17.91 17.03
C ILE C 114 -22.37 -18.95 17.68
N ARG C 115 -22.04 -19.98 16.89
CA ARG C 115 -21.22 -21.08 17.35
C ARG C 115 -20.11 -21.33 16.33
N ARG C 116 -19.22 -22.26 16.65
CA ARG C 116 -18.07 -22.52 15.79
C ARG C 116 -17.54 -23.94 16.02
N ARG C 117 -17.44 -24.70 14.94
CA ARG C 117 -16.92 -26.07 14.99
C ARG C 117 -15.46 -26.07 14.55
N LEU C 118 -14.62 -26.73 15.34
CA LEU C 118 -13.18 -26.76 15.09
C LEU C 118 -12.64 -28.18 14.97
N GLU C 119 -12.12 -28.50 13.79
CA GLU C 119 -11.45 -29.77 13.56
C GLU C 119 -9.94 -29.53 13.60
N VAL C 120 -9.29 -30.03 14.64
CA VAL C 120 -7.86 -29.78 14.86
C VAL C 120 -7.03 -31.06 14.75
N THR C 121 -6.30 -31.19 13.65
CA THR C 121 -5.53 -32.40 13.35
C THR C 121 -4.06 -32.21 13.66
N PHE C 122 -3.54 -33.01 14.59
CA PHE C 122 -2.14 -32.96 14.96
C PHE C 122 -1.25 -33.63 13.92
N GLU C 123 -0.23 -32.91 13.47
CA GLU C 123 0.81 -33.47 12.62
C GLU C 123 2.00 -33.86 13.50
N SER C 124 2.26 -33.04 14.51
CA SER C 124 3.23 -33.34 15.54
C SER C 124 2.83 -32.58 16.80
N HIS C 125 3.53 -32.84 17.89
CA HIS C 125 3.12 -32.30 19.18
C HIS C 125 3.01 -30.77 19.16
N ALA C 126 3.78 -30.13 18.30
CA ALA C 126 3.80 -28.67 18.21
C ALA C 126 3.34 -28.18 16.83
N VAL C 127 2.67 -29.05 16.09
CA VAL C 127 2.13 -28.71 14.78
C VAL C 127 0.71 -29.22 14.64
N ILE C 128 -0.18 -28.38 14.14
CA ILE C 128 -1.58 -28.77 13.94
C ILE C 128 -2.15 -28.12 12.68
N HIS C 129 -3.09 -28.81 12.05
CA HIS C 129 -3.86 -28.25 10.94
C HIS C 129 -5.31 -28.09 11.36
N VAL C 130 -5.81 -26.86 11.27
CA VAL C 130 -7.14 -26.53 11.79
C VAL C 130 -8.12 -26.19 10.68
N ARG C 131 -9.37 -26.63 10.86
CA ARG C 131 -10.45 -26.38 9.92
C ARG C 131 -11.67 -25.89 10.69
N ALA C 132 -12.04 -24.62 10.46
CA ALA C 132 -13.09 -23.98 11.24
C ALA C 132 -14.35 -23.79 10.42
N VAL C 133 -15.50 -24.10 11.04
CA VAL C 133 -16.79 -23.95 10.40
C VAL C 133 -17.77 -23.21 11.30
N GLU C 134 -18.27 -22.08 10.80
CA GLU C 134 -19.19 -21.25 11.57
C GLU C 134 -20.59 -21.85 11.59
N ASP C 135 -21.22 -21.73 12.74
CA ASP C 135 -22.60 -22.15 12.94
C ASP C 135 -23.35 -21.00 13.57
N VAL C 136 -24.16 -20.32 12.76
CA VAL C 136 -24.94 -19.19 13.23
C VAL C 136 -26.42 -19.59 13.29
N ALA C 137 -26.85 -19.93 14.51
CA ALA C 137 -28.20 -20.42 14.74
C ALA C 137 -28.51 -21.64 13.86
N ARG C 138 -27.53 -22.53 13.78
CA ARG C 138 -27.67 -23.78 13.03
C ARG C 138 -27.97 -23.52 11.57
N THR C 144 -14.81 -21.94 3.84
CA THR C 144 -13.48 -21.71 4.38
C THR C 144 -13.46 -20.53 5.34
N SER C 145 -12.75 -20.71 6.45
CA SER C 145 -12.57 -19.67 7.45
C SER C 145 -11.17 -19.07 7.36
N MET C 146 -10.96 -17.95 8.02
CA MET C 146 -9.65 -17.31 8.07
C MET C 146 -8.73 -18.06 9.03
N TRP C 147 -9.34 -18.82 9.93
CA TRP C 147 -8.59 -19.57 10.92
C TRP C 147 -8.17 -20.94 10.37
N ASP C 148 -8.64 -21.26 9.17
CA ASP C 148 -8.23 -22.48 8.49
C ASP C 148 -6.77 -22.40 8.08
N GLY C 149 -6.00 -23.41 8.45
CA GLY C 149 -4.60 -23.45 8.05
C GLY C 149 -3.72 -24.24 9.00
N GLN C 150 -2.41 -24.07 8.83
CA GLN C 150 -1.41 -24.76 9.65
C GLN C 150 -0.96 -23.88 10.80
N TYR C 151 -0.97 -24.45 12.01
CA TYR C 151 -0.56 -23.72 13.20
C TYR C 151 0.59 -24.41 13.92
N THR C 152 1.49 -23.60 14.46
CA THR C 152 2.59 -24.09 15.29
C THR C 152 2.53 -23.40 16.65
N ARG C 153 2.88 -24.14 17.70
CA ARG C 153 2.83 -23.61 19.05
C ARG C 153 4.01 -22.67 19.30
N TYR C 154 3.83 -21.72 20.21
CA TYR C 154 4.91 -20.80 20.55
C TYR C 154 5.92 -21.45 21.49
N HIS C 155 7.19 -21.16 21.26
CA HIS C 155 8.27 -21.76 22.04
C HIS C 155 9.38 -20.74 22.32
N GLN D 23 -4.51 21.35 2.89
CA GLN D 23 -5.63 22.18 2.46
C GLN D 23 -5.13 23.55 1.99
N PRO D 24 -5.90 24.23 1.13
CA PRO D 24 -5.46 25.50 0.53
C PRO D 24 -5.62 26.69 1.46
N PRO D 25 -5.18 27.88 1.01
CA PRO D 25 -5.43 29.13 1.74
C PRO D 25 -6.91 29.49 1.73
N VAL D 26 -7.29 30.48 2.53
CA VAL D 26 -8.68 30.88 2.64
C VAL D 26 -9.27 31.30 1.29
N GLN D 27 -8.73 32.36 0.71
CA GLN D 27 -9.31 32.98 -0.48
C GLN D 27 -9.45 32.00 -1.65
N THR D 28 -8.55 31.05 -1.75
CA THR D 28 -8.60 30.07 -2.82
C THR D 28 -9.85 29.21 -2.67
N ALA D 29 -10.09 28.75 -1.44
CA ALA D 29 -11.26 27.95 -1.14
C ALA D 29 -12.54 28.76 -1.31
N MET D 30 -12.46 30.05 -0.99
CA MET D 30 -13.58 30.95 -1.16
C MET D 30 -13.97 31.06 -2.63
N ARG D 31 -12.97 31.04 -3.50
CA ARG D 31 -13.21 31.13 -4.94
C ARG D 31 -13.88 29.86 -5.46
N ILE D 32 -13.40 28.71 -4.99
CA ILE D 32 -14.01 27.43 -5.35
C ILE D 32 -15.41 27.34 -4.73
N ALA D 33 -15.53 27.87 -3.51
CA ALA D 33 -16.81 27.93 -2.83
C ALA D 33 -17.78 28.76 -3.63
N LEU D 34 -17.31 29.92 -4.08
CA LEU D 34 -18.11 30.83 -4.90
C LEU D 34 -18.38 30.23 -6.27
N TRP D 35 -17.42 29.46 -6.77
CA TRP D 35 -17.59 28.74 -8.03
C TRP D 35 -18.70 27.71 -7.93
N ASN D 36 -18.71 26.98 -6.83
CA ASN D 36 -19.69 25.92 -6.61
C ASN D 36 -21.13 26.44 -6.68
N ARG D 37 -21.33 27.70 -6.30
CA ARG D 37 -22.66 28.28 -6.32
C ARG D 37 -23.05 28.70 -7.73
N ALA D 38 -22.04 28.88 -8.58
CA ALA D 38 -22.28 29.25 -9.97
C ALA D 38 -22.52 28.01 -10.84
N THR D 39 -22.09 26.85 -10.36
CA THR D 39 -22.15 25.62 -11.15
C THR D 39 -23.58 25.14 -11.40
N HIS D 40 -24.38 25.09 -10.34
CA HIS D 40 -25.75 24.59 -10.42
C HIS D 40 -26.73 25.54 -9.74
N GLY D 41 -26.25 26.27 -8.73
CA GLY D 41 -27.08 27.23 -8.04
C GLY D 41 -27.59 28.30 -8.98
N GLU D 42 -26.86 28.52 -10.06
CA GLU D 42 -27.22 29.54 -11.05
C GLU D 42 -27.25 30.91 -10.36
N GLN D 43 -26.39 31.06 -9.36
CA GLN D 43 -26.37 32.26 -8.54
C GLN D 43 -26.09 33.50 -9.38
N GLY D 44 -26.44 34.65 -8.83
CA GLY D 44 -26.35 35.91 -9.54
C GLY D 44 -25.02 36.22 -10.19
N ALA D 45 -23.92 35.81 -9.55
CA ALA D 45 -22.60 36.21 -9.98
C ALA D 45 -21.62 35.06 -10.21
N LEU D 46 -21.48 34.68 -11.48
CA LEU D 46 -20.28 33.98 -11.93
C LEU D 46 -19.25 35.06 -12.25
N GLN D 47 -19.76 36.28 -12.45
CA GLN D 47 -18.93 37.41 -12.83
C GLN D 47 -17.98 37.86 -11.71
N HIS D 48 -18.27 37.43 -10.49
CA HIS D 48 -17.46 37.82 -9.34
C HIS D 48 -16.10 37.12 -9.39
N LEU D 49 -16.08 35.93 -9.96
CA LEU D 49 -14.83 35.18 -10.10
C LEU D 49 -13.87 35.84 -11.07
N LEU D 50 -14.41 36.41 -12.15
CA LEU D 50 -13.59 37.03 -13.18
C LEU D 50 -12.79 38.21 -12.63
N ALA D 51 -13.34 38.89 -11.63
CA ALA D 51 -12.68 40.03 -11.02
C ALA D 51 -11.27 39.66 -10.57
N GLY D 52 -10.28 40.16 -11.30
CA GLY D 52 -8.89 39.89 -10.99
C GLY D 52 -8.01 39.88 -12.22
N LEU D 53 -6.73 39.62 -12.01
CA LEU D 53 -5.75 39.59 -13.10
C LEU D 53 -5.68 38.21 -13.74
N TRP D 54 -5.71 38.18 -15.06
CA TRP D 54 -5.67 36.93 -15.82
C TRP D 54 -4.55 36.95 -16.85
N ILE D 55 -3.70 35.92 -16.80
CA ILE D 55 -2.57 35.80 -17.71
C ILE D 55 -2.84 34.72 -18.74
N GLN D 56 -2.53 35.02 -20.00
CA GLN D 56 -2.75 34.08 -21.09
C GLN D 56 -1.75 32.93 -21.05
N THR D 57 -2.24 31.72 -21.25
CA THR D 57 -1.39 30.54 -21.25
C THR D 57 -0.63 30.42 -22.57
N ASP D 65 7.53 37.13 -26.89
CA ASP D 65 7.04 36.11 -25.96
C ASP D 65 6.44 36.76 -24.72
N ILE D 66 5.64 37.81 -24.91
CA ILE D 66 4.93 38.45 -23.80
C ILE D 66 3.51 37.86 -23.69
N HIS D 67 3.03 37.70 -22.47
CA HIS D 67 1.71 37.13 -22.22
C HIS D 67 0.66 38.23 -22.21
N PRO D 68 -0.37 38.10 -23.06
CA PRO D 68 -1.52 39.02 -22.96
C PRO D 68 -2.14 38.98 -21.57
N LEU D 69 -2.64 40.13 -21.11
CA LEU D 69 -3.09 40.31 -19.74
C LEU D 69 -4.48 40.93 -19.64
N LEU D 70 -5.38 40.26 -18.91
CA LEU D 70 -6.72 40.77 -18.69
C LEU D 70 -6.95 41.10 -17.22
N PHE D 71 -7.49 42.27 -16.94
CA PHE D 71 -7.94 42.63 -15.60
C PHE D 71 -9.38 43.13 -15.63
N PHE D 72 -10.26 42.39 -14.97
CA PHE D 72 -11.67 42.77 -14.88
C PHE D 72 -11.90 43.63 -13.64
N ASP D 73 -11.89 44.95 -13.83
CA ASP D 73 -12.04 45.87 -12.72
C ASP D 73 -13.50 46.00 -12.30
N ARG D 74 -13.84 45.39 -11.17
CA ARG D 74 -15.22 45.34 -10.70
C ARG D 74 -15.68 46.69 -10.16
N GLU D 75 -14.77 47.40 -9.50
CA GLU D 75 -15.08 48.72 -8.94
C GLU D 75 -15.59 49.68 -10.00
N HIS D 76 -14.84 49.79 -11.09
CA HIS D 76 -15.14 50.76 -12.14
C HIS D 76 -15.82 50.11 -13.35
N ALA D 77 -16.23 48.85 -13.20
CA ALA D 77 -16.91 48.12 -14.28
C ALA D 77 -16.12 48.20 -15.59
N GLU D 78 -14.83 47.88 -15.50
CA GLU D 78 -13.91 48.00 -16.63
C GLU D 78 -13.17 46.69 -16.88
N ILE D 79 -12.74 46.52 -18.12
CA ILE D 79 -11.84 45.45 -18.48
C ILE D 79 -10.55 46.08 -19.00
N THR D 80 -9.43 45.51 -18.60
CA THR D 80 -8.10 46.04 -18.91
C THR D 80 -7.34 45.06 -19.78
N PHE D 81 -6.94 45.51 -20.97
CA PHE D 81 -6.13 44.70 -21.88
C PHE D 81 -4.72 45.27 -21.92
N SER D 82 -3.71 44.42 -21.80
CA SER D 82 -2.32 44.89 -21.88
C SER D 82 -1.36 43.78 -22.27
N ARG D 83 -0.37 44.15 -23.08
CA ARG D 83 0.67 43.23 -23.54
C ARG D 83 1.94 44.04 -23.79
N ALA D 84 2.80 44.11 -22.78
CA ALA D 84 4.01 44.93 -22.84
C ALA D 84 3.62 46.40 -23.03
N SER D 85 4.11 47.01 -24.10
CA SER D 85 3.79 48.41 -24.40
C SER D 85 2.30 48.61 -24.61
N VAL D 86 1.63 47.58 -25.11
CA VAL D 86 0.19 47.63 -25.32
C VAL D 86 -0.54 47.78 -23.99
N GLN D 87 -1.48 48.73 -23.95
CA GLN D 87 -2.40 48.84 -22.83
C GLN D 87 -3.57 49.72 -23.23
N GLU D 88 -4.77 49.25 -22.90
CA GLU D 88 -5.99 49.90 -23.32
C GLU D 88 -7.11 49.44 -22.41
N ILE D 89 -8.15 50.28 -22.28
CA ILE D 89 -9.26 49.96 -21.40
C ILE D 89 -10.59 50.05 -22.15
N PHE D 90 -11.48 49.13 -21.83
CA PHE D 90 -12.82 49.10 -22.39
C PHE D 90 -13.84 49.16 -21.27
N LEU D 91 -14.85 50.01 -21.43
CA LEU D 91 -15.89 50.18 -20.42
C LEU D 91 -17.01 49.18 -20.66
N VAL D 92 -17.41 48.48 -19.60
CA VAL D 92 -18.45 47.46 -19.70
C VAL D 92 -19.85 48.08 -19.80
N ASP D 93 -20.45 48.00 -20.98
CA ASP D 93 -21.81 48.50 -21.18
C ASP D 93 -22.82 47.52 -20.62
N SER D 94 -22.49 46.23 -20.68
CA SER D 94 -23.35 45.18 -20.16
C SER D 94 -22.58 43.88 -19.97
N ALA D 95 -23.12 42.99 -19.14
CA ALA D 95 -22.50 41.70 -18.88
C ALA D 95 -23.56 40.66 -18.56
N HIS D 96 -23.64 39.64 -19.41
CA HIS D 96 -24.64 38.58 -19.26
C HIS D 96 -24.00 37.22 -19.09
N THR D 97 -24.70 36.34 -18.36
CA THR D 97 -24.22 34.98 -18.09
C THR D 97 -25.19 33.95 -18.65
N HIS D 98 -24.65 32.82 -19.07
CA HIS D 98 -25.47 31.70 -19.54
C HIS D 98 -24.63 30.42 -19.51
N ARG D 99 -25.09 29.44 -18.73
CA ARG D 99 -24.32 28.23 -18.46
C ARG D 99 -22.98 28.59 -17.80
N LYS D 100 -21.87 28.52 -18.54
CA LYS D 100 -20.55 28.79 -17.97
C LYS D 100 -19.84 29.98 -18.64
N THR D 101 -20.57 30.72 -19.46
CA THR D 101 -19.98 31.81 -20.23
C THR D 101 -20.48 33.18 -19.76
N VAL D 102 -19.55 34.13 -19.63
CA VAL D 102 -19.91 35.52 -19.39
C VAL D 102 -19.71 36.32 -20.67
N SER D 103 -20.78 36.95 -21.15
CA SER D 103 -20.73 37.72 -22.38
C SER D 103 -20.66 39.21 -22.09
N PHE D 104 -19.56 39.83 -22.51
CA PHE D 104 -19.34 41.26 -22.31
C PHE D 104 -19.51 42.03 -23.60
N LEU D 105 -20.26 43.13 -23.51
CA LEU D 105 -20.33 44.12 -24.59
C LEU D 105 -19.68 45.38 -24.06
N THR D 106 -18.51 45.71 -24.60
CA THR D 106 -17.68 46.76 -24.03
C THR D 106 -17.43 47.88 -25.03
N ARG D 107 -16.74 48.92 -24.59
CA ARG D 107 -16.54 50.12 -25.40
C ARG D 107 -15.28 50.84 -24.98
N ASN D 108 -14.40 51.07 -25.95
CA ASN D 108 -13.11 51.71 -25.69
C ASN D 108 -13.27 53.08 -25.05
N THR D 109 -12.40 53.38 -24.08
CA THR D 109 -12.50 54.63 -23.32
C THR D 109 -12.21 55.87 -24.16
N ALA D 110 -11.41 55.70 -25.22
CA ALA D 110 -10.99 56.83 -26.03
C ALA D 110 -12.00 57.14 -27.14
N ILE D 111 -12.50 56.10 -27.81
CA ILE D 111 -13.34 56.28 -28.99
C ILE D 111 -14.60 55.42 -28.95
N SER D 112 -15.74 56.10 -28.92
CA SER D 112 -17.06 55.47 -28.91
C SER D 112 -17.22 54.53 -30.10
N SER D 113 -16.64 54.90 -31.23
CA SER D 113 -16.73 54.13 -32.45
C SER D 113 -16.20 52.71 -32.27
N ILE D 114 -15.20 52.57 -31.42
CA ILE D 114 -14.57 51.27 -31.20
C ILE D 114 -15.17 50.54 -30.00
N ARG D 115 -15.64 49.33 -30.25
CA ARG D 115 -16.22 48.48 -29.22
C ARG D 115 -15.59 47.09 -29.33
N ARG D 116 -16.00 46.18 -28.45
CA ARG D 116 -15.33 44.89 -28.35
C ARG D 116 -16.16 43.89 -27.56
N ARG D 117 -16.74 42.93 -28.27
CA ARG D 117 -17.47 41.84 -27.62
C ARG D 117 -16.49 40.85 -27.00
N LEU D 118 -16.91 40.21 -25.92
CA LEU D 118 -16.05 39.25 -25.22
C LEU D 118 -16.85 38.06 -24.70
N GLU D 119 -16.50 36.88 -25.20
CA GLU D 119 -17.10 35.62 -24.76
C GLU D 119 -16.13 34.90 -23.83
N VAL D 120 -16.40 34.95 -22.54
CA VAL D 120 -15.49 34.39 -21.54
C VAL D 120 -16.07 33.12 -20.91
N THR D 121 -15.50 31.98 -21.31
CA THR D 121 -15.99 30.67 -20.87
C THR D 121 -15.08 30.07 -19.81
N PHE D 122 -15.67 29.59 -18.72
CA PHE D 122 -14.91 28.99 -17.63
C PHE D 122 -14.70 27.49 -17.82
N GLU D 123 -13.49 27.04 -17.49
CA GLU D 123 -13.23 25.61 -17.34
C GLU D 123 -13.12 25.27 -15.86
N SER D 124 -12.41 26.13 -15.13
CA SER D 124 -12.31 26.03 -13.69
C SER D 124 -12.31 27.43 -13.10
N HIS D 125 -12.34 27.53 -11.77
CA HIS D 125 -12.49 28.82 -11.11
C HIS D 125 -11.37 29.79 -11.49
N ALA D 126 -10.22 29.25 -11.85
CA ALA D 126 -9.07 30.07 -12.25
C ALA D 126 -8.56 29.66 -13.62
N VAL D 127 -9.47 29.19 -14.47
CA VAL D 127 -9.15 28.83 -15.84
C VAL D 127 -10.30 29.22 -16.76
N ILE D 128 -10.01 30.02 -17.77
CA ILE D 128 -11.02 30.47 -18.71
C ILE D 128 -10.52 30.46 -20.15
N HIS D 129 -11.46 30.53 -21.09
CA HIS D 129 -11.18 30.76 -22.49
C HIS D 129 -11.88 32.03 -22.93
N VAL D 130 -11.22 32.80 -23.78
CA VAL D 130 -11.73 34.10 -24.18
C VAL D 130 -11.77 34.24 -25.70
N ARG D 131 -12.82 34.89 -26.18
CA ARG D 131 -12.99 35.18 -27.60
C ARG D 131 -13.42 36.63 -27.80
N ALA D 132 -12.65 37.38 -28.59
CA ALA D 132 -12.89 38.79 -28.82
C ALA D 132 -13.20 39.09 -30.28
N VAL D 133 -14.38 39.66 -30.52
CA VAL D 133 -14.79 40.14 -31.83
C VAL D 133 -14.87 41.66 -31.87
N GLU D 134 -13.95 42.29 -32.59
CA GLU D 134 -13.90 43.75 -32.63
C GLU D 134 -15.08 44.32 -33.41
N ASP D 135 -15.58 45.44 -32.93
CA ASP D 135 -16.74 46.10 -33.51
C ASP D 135 -16.43 47.57 -33.73
N VAL D 136 -15.74 47.89 -34.82
CA VAL D 136 -15.43 49.27 -35.13
C VAL D 136 -16.58 49.92 -35.91
N ALA D 137 -17.38 50.69 -35.19
CA ALA D 137 -18.53 51.38 -35.79
C ALA D 137 -19.51 50.41 -36.44
N ARG D 138 -20.04 49.48 -35.65
CA ARG D 138 -21.03 48.49 -36.12
C ARG D 138 -20.48 47.55 -37.20
N LEU D 139 -19.21 47.71 -37.56
CA LEU D 139 -18.55 46.83 -38.52
C LEU D 139 -17.79 45.75 -37.76
N LYS D 140 -18.42 44.59 -37.63
CA LYS D 140 -17.84 43.51 -36.85
C LYS D 140 -16.88 42.68 -37.71
N ILE D 141 -15.62 42.63 -37.28
CA ILE D 141 -14.63 41.80 -37.95
C ILE D 141 -14.50 40.45 -37.23
N GLY D 142 -14.84 39.37 -37.95
CA GLY D 142 -14.93 38.05 -37.36
C GLY D 142 -13.61 37.29 -37.38
N SER D 143 -12.51 38.02 -37.42
CA SER D 143 -11.17 37.42 -37.45
C SER D 143 -10.69 37.12 -36.03
N THR D 144 -9.64 36.30 -35.93
CA THR D 144 -9.02 35.99 -34.65
C THR D 144 -8.40 37.24 -34.04
N SER D 145 -8.56 37.39 -32.73
CA SER D 145 -7.97 38.50 -32.01
C SER D 145 -6.76 38.02 -31.23
N MET D 146 -5.88 38.94 -30.86
CA MET D 146 -4.71 38.60 -30.08
C MET D 146 -5.14 38.23 -28.66
N TRP D 147 -6.34 38.64 -28.28
CA TRP D 147 -6.85 38.39 -26.94
C TRP D 147 -7.64 37.08 -26.86
N ASP D 148 -7.58 36.30 -27.93
CA ASP D 148 -8.21 34.99 -27.97
C ASP D 148 -7.30 33.94 -27.37
N GLY D 149 -7.85 33.10 -26.49
CA GLY D 149 -7.10 31.98 -25.94
C GLY D 149 -7.47 31.66 -24.50
N GLN D 150 -6.66 30.81 -23.88
CA GLN D 150 -6.88 30.38 -22.51
C GLN D 150 -6.14 31.29 -21.52
N TYR D 151 -6.83 31.65 -20.44
CA TYR D 151 -6.25 32.48 -19.40
C TYR D 151 -6.38 31.82 -18.04
N THR D 152 -5.42 32.10 -17.16
CA THR D 152 -5.45 31.60 -15.79
C THR D 152 -5.16 32.74 -14.83
N ARG D 153 -5.93 32.80 -13.74
CA ARG D 153 -5.80 33.90 -12.78
C ARG D 153 -4.48 33.79 -12.02
N TYR D 154 -4.01 34.93 -11.53
CA TYR D 154 -2.76 34.99 -10.77
C TYR D 154 -2.99 34.62 -9.31
N HIS D 155 -2.08 33.83 -8.75
CA HIS D 155 -2.22 33.37 -7.36
C HIS D 155 -0.88 33.23 -6.63
N ALA D 156 0.21 33.12 -7.40
CA ALA D 156 1.55 32.81 -6.89
C ALA D 156 1.81 33.33 -5.48
N GLY D 157 2.06 32.41 -4.55
CA GLY D 157 2.31 32.75 -3.17
C GLY D 157 2.38 31.54 -2.27
N PRO E 24 -1.85 -23.09 -37.39
CA PRO E 24 -3.03 -23.01 -36.53
C PRO E 24 -2.65 -23.25 -35.07
N PRO E 25 -3.58 -22.97 -34.13
CA PRO E 25 -3.28 -23.18 -32.71
C PRO E 25 -3.04 -24.65 -32.35
N VAL E 26 -2.62 -24.87 -31.12
CA VAL E 26 -2.19 -26.19 -30.66
C VAL E 26 -3.28 -27.26 -30.73
N GLN E 27 -4.39 -27.00 -30.06
CA GLN E 27 -5.46 -27.99 -29.91
C GLN E 27 -5.96 -28.53 -31.25
N THR E 28 -6.17 -27.63 -32.20
CA THR E 28 -6.81 -28.00 -33.46
C THR E 28 -5.89 -28.82 -34.34
N ALA E 29 -4.59 -28.80 -34.03
CA ALA E 29 -3.64 -29.67 -34.73
C ALA E 29 -3.73 -31.08 -34.18
N MET E 30 -4.01 -31.19 -32.89
CA MET E 30 -4.18 -32.48 -32.24
C MET E 30 -5.47 -33.14 -32.67
N ARG E 31 -6.42 -32.34 -33.13
CA ARG E 31 -7.69 -32.86 -33.64
C ARG E 31 -7.50 -33.47 -35.02
N ILE E 32 -6.78 -32.76 -35.87
CA ILE E 32 -6.47 -33.27 -37.21
C ILE E 32 -5.54 -34.46 -37.07
N ALA E 33 -4.69 -34.43 -36.05
CA ALA E 33 -3.84 -35.56 -35.73
C ALA E 33 -4.70 -36.75 -35.33
N LEU E 34 -5.76 -36.47 -34.58
CA LEU E 34 -6.69 -37.48 -34.13
C LEU E 34 -7.50 -37.99 -35.32
N TRP E 35 -7.87 -37.07 -36.20
CA TRP E 35 -8.60 -37.39 -37.42
C TRP E 35 -7.80 -38.27 -38.36
N ASN E 36 -6.52 -37.94 -38.52
CA ASN E 36 -5.64 -38.68 -39.41
C ASN E 36 -5.51 -40.15 -39.01
N ARG E 37 -5.56 -40.43 -37.71
CA ARG E 37 -5.48 -41.80 -37.22
C ARG E 37 -6.76 -42.56 -37.53
N ALA E 38 -7.86 -41.83 -37.71
CA ALA E 38 -9.17 -42.43 -37.94
C ALA E 38 -9.45 -42.63 -39.43
N THR E 39 -8.80 -41.84 -40.28
CA THR E 39 -9.05 -41.87 -41.71
C THR E 39 -8.72 -43.21 -42.35
N HIS E 40 -7.59 -43.80 -41.95
CA HIS E 40 -7.11 -45.04 -42.55
C HIS E 40 -6.58 -46.01 -41.52
N GLY E 41 -6.05 -45.47 -40.42
CA GLY E 41 -5.56 -46.31 -39.33
C GLY E 41 -6.68 -47.14 -38.75
N GLU E 42 -7.89 -46.59 -38.77
CA GLU E 42 -9.07 -47.28 -38.23
C GLU E 42 -8.87 -47.54 -36.74
N GLN E 43 -8.15 -46.63 -36.09
CA GLN E 43 -7.89 -46.73 -34.65
C GLN E 43 -9.21 -46.64 -33.87
N GLY E 44 -9.16 -47.01 -32.60
CA GLY E 44 -10.32 -47.09 -31.74
C GLY E 44 -11.35 -45.97 -31.88
N ALA E 45 -11.00 -44.78 -31.38
CA ALA E 45 -11.99 -43.73 -31.19
C ALA E 45 -11.91 -42.59 -32.20
N LEU E 46 -12.81 -42.64 -33.19
CA LEU E 46 -13.15 -41.46 -33.98
C LEU E 46 -14.15 -40.67 -33.15
N GLN E 47 -14.84 -41.37 -32.26
CA GLN E 47 -15.80 -40.76 -31.35
C GLN E 47 -15.12 -39.67 -30.54
N HIS E 48 -13.83 -39.88 -30.26
CA HIS E 48 -13.05 -38.96 -29.47
C HIS E 48 -13.06 -37.56 -30.10
N LEU E 49 -13.40 -37.48 -31.39
CA LEU E 49 -13.53 -36.20 -32.06
C LEU E 49 -14.90 -35.57 -31.81
N LEU E 50 -15.91 -36.39 -31.56
CA LEU E 50 -17.26 -35.89 -31.34
C LEU E 50 -17.40 -35.19 -29.99
N ALA E 51 -16.51 -35.52 -29.07
CA ALA E 51 -16.54 -34.95 -27.73
C ALA E 51 -16.52 -33.42 -27.79
N GLY E 52 -17.57 -32.80 -27.25
CA GLY E 52 -17.66 -31.36 -27.17
C GLY E 52 -18.86 -30.79 -27.89
N LEU E 53 -18.86 -29.47 -28.05
CA LEU E 53 -20.00 -28.75 -28.59
C LEU E 53 -20.02 -28.74 -30.11
N TRP E 54 -21.21 -28.86 -30.68
CA TRP E 54 -21.41 -28.77 -32.12
C TRP E 54 -22.59 -27.84 -32.43
N ILE E 55 -22.39 -26.96 -33.39
CA ILE E 55 -23.45 -26.02 -33.79
C ILE E 55 -23.98 -26.36 -35.18
N GLN E 56 -25.31 -26.39 -35.32
CA GLN E 56 -25.92 -26.70 -36.60
C GLN E 56 -25.73 -25.54 -37.56
N THR E 57 -25.51 -25.86 -38.83
CA THR E 57 -25.27 -24.84 -39.84
C THR E 57 -26.57 -24.12 -40.20
N GLY E 64 -35.64 -16.53 -35.80
CA GLY E 64 -34.77 -15.86 -36.75
C GLY E 64 -33.50 -16.64 -37.07
N ASP E 65 -32.68 -16.90 -36.05
CA ASP E 65 -31.42 -17.62 -36.23
C ASP E 65 -31.15 -18.52 -35.02
N ILE E 66 -32.03 -19.49 -34.81
CA ILE E 66 -31.93 -20.39 -33.66
C ILE E 66 -31.27 -21.70 -34.07
N HIS E 67 -30.03 -21.87 -33.61
CA HIS E 67 -29.20 -23.01 -34.02
C HIS E 67 -29.35 -24.16 -33.03
N PRO E 68 -29.74 -25.34 -33.52
CA PRO E 68 -29.68 -26.56 -32.71
C PRO E 68 -28.26 -26.84 -32.24
N LEU E 69 -28.14 -27.30 -30.99
CA LEU E 69 -26.85 -27.52 -30.35
C LEU E 69 -26.69 -28.95 -29.87
N LEU E 70 -25.62 -29.60 -30.28
CA LEU E 70 -25.28 -30.94 -29.80
C LEU E 70 -24.05 -30.88 -28.91
N PHE E 71 -24.07 -31.67 -27.85
CA PHE E 71 -22.90 -31.80 -26.97
C PHE E 71 -22.70 -33.25 -26.59
N PHE E 72 -21.58 -33.82 -27.02
CA PHE E 72 -21.25 -35.20 -26.70
C PHE E 72 -20.38 -35.25 -25.45
N ASP E 73 -20.98 -35.61 -24.32
CA ASP E 73 -20.26 -35.66 -23.05
C ASP E 73 -19.55 -37.00 -22.90
N ARG E 74 -18.24 -36.99 -23.18
CA ARG E 74 -17.44 -38.20 -23.11
C ARG E 74 -17.28 -38.65 -21.67
N GLU E 75 -17.25 -37.69 -20.75
CA GLU E 75 -17.07 -38.00 -19.34
C GLU E 75 -18.24 -38.81 -18.79
N HIS E 76 -19.45 -38.43 -19.19
CA HIS E 76 -20.65 -39.06 -18.66
C HIS E 76 -21.37 -39.90 -19.71
N ALA E 77 -20.74 -40.06 -20.87
CA ALA E 77 -21.32 -40.84 -21.97
C ALA E 77 -22.74 -40.39 -22.25
N GLU E 78 -22.87 -39.15 -22.68
CA GLU E 78 -24.17 -38.53 -22.87
C GLU E 78 -24.16 -37.59 -24.08
N ILE E 79 -25.34 -37.38 -24.64
CA ILE E 79 -25.52 -36.43 -25.72
C ILE E 79 -26.65 -35.48 -25.36
N THR E 80 -26.39 -34.19 -25.43
CA THR E 80 -27.37 -33.18 -25.04
C THR E 80 -27.83 -32.43 -26.27
N PHE E 81 -29.16 -32.35 -26.43
CA PHE E 81 -29.77 -31.65 -27.54
C PHE E 81 -30.41 -30.37 -27.02
N SER E 82 -30.07 -29.22 -27.60
CA SER E 82 -30.59 -27.95 -27.12
C SER E 82 -30.82 -26.92 -28.23
N ARG E 83 -31.95 -26.23 -28.14
CA ARG E 83 -32.32 -25.15 -29.06
C ARG E 83 -33.10 -24.10 -28.29
N ALA E 84 -32.40 -23.04 -27.87
CA ALA E 84 -32.99 -22.00 -27.04
C ALA E 84 -33.58 -22.60 -25.76
N SER E 85 -34.90 -22.51 -25.59
CA SER E 85 -35.56 -23.07 -24.41
C SER E 85 -35.36 -24.57 -24.33
N VAL E 86 -35.30 -25.23 -25.49
CA VAL E 86 -35.16 -26.67 -25.55
C VAL E 86 -33.84 -27.12 -24.95
N GLN E 87 -33.90 -28.15 -24.11
CA GLN E 87 -32.70 -28.80 -23.61
C GLN E 87 -33.08 -30.18 -23.07
N GLU E 88 -32.33 -31.19 -23.48
CA GLU E 88 -32.65 -32.57 -23.15
C GLU E 88 -31.41 -33.43 -23.30
N ILE E 89 -31.35 -34.52 -22.54
CA ILE E 89 -30.18 -35.38 -22.54
C ILE E 89 -30.55 -36.82 -22.81
N PHE E 90 -29.70 -37.50 -23.56
CA PHE E 90 -29.87 -38.92 -23.85
C PHE E 90 -28.61 -39.69 -23.43
N LEU E 91 -28.79 -40.63 -22.52
CA LEU E 91 -27.69 -41.49 -22.10
C LEU E 91 -27.35 -42.49 -23.19
N VAL E 92 -26.07 -42.59 -23.51
CA VAL E 92 -25.62 -43.48 -24.58
C VAL E 92 -25.54 -44.93 -24.10
N ASP E 93 -26.35 -45.79 -24.71
CA ASP E 93 -26.35 -47.21 -24.39
C ASP E 93 -25.23 -47.94 -25.13
N SER E 94 -25.10 -47.64 -26.42
CA SER E 94 -24.06 -48.23 -27.25
C SER E 94 -23.59 -47.24 -28.32
N ALA E 95 -22.34 -47.38 -28.74
CA ALA E 95 -21.74 -46.50 -29.74
C ALA E 95 -20.77 -47.25 -30.63
N HIS E 96 -21.19 -47.47 -31.88
CA HIS E 96 -20.38 -48.20 -32.86
C HIS E 96 -19.93 -47.30 -34.00
N THR E 97 -18.68 -47.47 -34.41
CA THR E 97 -18.12 -46.74 -35.55
C THR E 97 -18.08 -47.61 -36.79
N HIS E 98 -18.14 -46.97 -37.95
CA HIS E 98 -17.94 -47.65 -39.23
C HIS E 98 -17.43 -46.65 -40.25
N ARG E 99 -16.16 -46.75 -40.59
CA ARG E 99 -15.54 -45.85 -41.55
C ARG E 99 -15.58 -44.40 -41.03
N LYS E 100 -16.40 -43.56 -41.65
CA LYS E 100 -16.51 -42.15 -41.25
C LYS E 100 -17.87 -41.86 -40.61
N THR E 101 -18.41 -42.86 -39.92
CA THR E 101 -19.73 -42.76 -39.32
C THR E 101 -19.78 -43.40 -37.93
N VAL E 102 -20.48 -42.74 -37.01
CA VAL E 102 -20.71 -43.27 -35.67
C VAL E 102 -22.20 -43.51 -35.44
N SER E 103 -22.53 -44.68 -34.89
CA SER E 103 -23.91 -45.07 -34.67
C SER E 103 -24.22 -45.16 -33.19
N PHE E 104 -24.99 -44.20 -32.70
CA PHE E 104 -25.40 -44.18 -31.30
C PHE E 104 -26.80 -44.75 -31.11
N LEU E 105 -26.96 -45.57 -30.08
CA LEU E 105 -28.27 -45.89 -29.54
C LEU E 105 -28.31 -45.30 -28.14
N THR E 106 -29.23 -44.37 -27.92
CA THR E 106 -29.28 -43.62 -26.68
C THR E 106 -30.65 -43.75 -26.02
N ARG E 107 -30.82 -43.10 -24.87
CA ARG E 107 -32.02 -43.25 -24.07
C ARG E 107 -32.27 -41.99 -23.25
N ASN E 108 -33.48 -41.45 -23.37
CA ASN E 108 -33.81 -40.23 -22.64
C ASN E 108 -33.70 -40.43 -21.14
N THR E 109 -33.15 -39.43 -20.46
CA THR E 109 -32.91 -39.52 -19.03
C THR E 109 -34.19 -39.65 -18.21
N ALA E 110 -35.13 -38.76 -18.48
CA ALA E 110 -36.38 -38.69 -17.73
C ALA E 110 -37.20 -39.98 -17.86
N ILE E 111 -37.55 -40.32 -19.09
CA ILE E 111 -38.47 -41.42 -19.35
C ILE E 111 -37.83 -42.46 -20.28
N SER E 112 -37.80 -43.70 -19.81
CA SER E 112 -37.10 -44.79 -20.49
C SER E 112 -37.73 -45.15 -21.82
N SER E 113 -39.03 -44.89 -21.94
CA SER E 113 -39.79 -45.28 -23.12
C SER E 113 -39.34 -44.52 -24.37
N ILE E 114 -38.79 -43.32 -24.17
CA ILE E 114 -38.32 -42.50 -25.27
C ILE E 114 -36.83 -42.73 -25.53
N ARG E 115 -36.52 -43.29 -26.69
CA ARG E 115 -35.15 -43.52 -27.11
C ARG E 115 -34.86 -42.76 -28.41
N ARG E 116 -33.62 -42.86 -28.89
CA ARG E 116 -33.20 -42.08 -30.05
C ARG E 116 -31.92 -42.65 -30.67
N ARG E 117 -31.99 -42.97 -31.96
CA ARG E 117 -30.83 -43.47 -32.70
C ARG E 117 -30.15 -42.35 -33.47
N LEU E 118 -28.82 -42.30 -33.40
CA LEU E 118 -28.04 -41.26 -34.05
C LEU E 118 -27.10 -41.82 -35.10
N GLU E 119 -27.15 -41.24 -36.30
CA GLU E 119 -26.26 -41.61 -37.39
C GLU E 119 -25.37 -40.42 -37.75
N VAL E 120 -24.27 -40.28 -37.02
CA VAL E 120 -23.36 -39.16 -37.19
C VAL E 120 -22.28 -39.48 -38.22
N THR E 121 -22.18 -38.64 -39.25
CA THR E 121 -21.25 -38.88 -40.35
C THR E 121 -20.30 -37.71 -40.57
N PHE E 122 -19.02 -37.99 -40.38
CA PHE E 122 -17.99 -36.97 -40.54
C PHE E 122 -17.69 -36.62 -41.99
N GLU E 123 -17.77 -35.33 -42.31
CA GLU E 123 -17.24 -34.80 -43.56
C GLU E 123 -15.78 -34.40 -43.33
N SER E 124 -15.53 -33.88 -42.14
CA SER E 124 -14.18 -33.52 -41.71
C SER E 124 -14.14 -33.51 -40.19
N HIS E 125 -12.96 -33.25 -39.63
CA HIS E 125 -12.76 -33.33 -38.19
C HIS E 125 -13.58 -32.29 -37.42
N ALA E 126 -14.07 -31.28 -38.14
CA ALA E 126 -14.86 -30.23 -37.52
C ALA E 126 -16.14 -29.99 -38.32
N VAL E 127 -16.56 -31.00 -39.07
CA VAL E 127 -17.78 -30.92 -39.86
C VAL E 127 -18.45 -32.30 -39.95
N ILE E 128 -19.61 -32.41 -39.32
CA ILE E 128 -20.39 -33.66 -39.34
C ILE E 128 -21.78 -33.43 -39.91
N HIS E 129 -22.41 -34.52 -40.35
CA HIS E 129 -23.80 -34.51 -40.79
C HIS E 129 -24.57 -35.55 -39.97
N VAL E 130 -25.65 -35.10 -39.33
CA VAL E 130 -26.37 -35.93 -38.37
C VAL E 130 -27.80 -36.26 -38.83
N ARG E 131 -28.19 -37.52 -38.65
CA ARG E 131 -29.56 -37.95 -38.83
C ARG E 131 -30.03 -38.65 -37.56
N ALA E 132 -31.24 -38.30 -37.11
CA ALA E 132 -31.79 -38.83 -35.87
C ALA E 132 -33.13 -39.48 -36.10
N VAL E 133 -33.40 -40.55 -35.36
CA VAL E 133 -34.65 -41.29 -35.46
C VAL E 133 -35.20 -41.65 -34.09
N GLU E 134 -36.33 -41.07 -33.73
CA GLU E 134 -36.96 -41.33 -32.45
C GLU E 134 -37.50 -42.76 -32.38
N ASP E 135 -37.68 -43.26 -31.16
CA ASP E 135 -38.20 -44.58 -30.94
C ASP E 135 -38.95 -44.65 -29.62
N VAL E 136 -40.26 -44.44 -29.68
CA VAL E 136 -41.10 -44.40 -28.48
C VAL E 136 -41.68 -45.76 -28.16
N ALA E 137 -41.06 -46.45 -27.20
CA ALA E 137 -41.51 -47.77 -26.78
C ALA E 137 -41.49 -48.76 -27.95
N ARG E 138 -40.35 -48.85 -28.62
CA ARG E 138 -40.19 -49.70 -29.79
C ARG E 138 -41.21 -49.35 -30.86
N LEU E 139 -41.47 -48.06 -31.03
CA LEU E 139 -42.34 -47.57 -32.09
C LEU E 139 -41.58 -46.55 -32.93
N LYS E 140 -40.80 -47.06 -33.88
CA LYS E 140 -39.90 -46.21 -34.65
C LYS E 140 -40.63 -45.32 -35.64
N ILE E 141 -40.71 -44.03 -35.31
CA ILE E 141 -41.17 -43.04 -36.27
C ILE E 141 -39.96 -42.60 -37.09
N GLY E 142 -39.98 -42.93 -38.37
CA GLY E 142 -38.83 -42.76 -39.23
C GLY E 142 -38.69 -41.39 -39.84
N SER E 143 -39.64 -40.51 -39.53
CA SER E 143 -39.65 -39.16 -40.08
C SER E 143 -38.41 -38.37 -39.67
N THR E 144 -38.15 -37.27 -40.37
CA THR E 144 -37.01 -36.41 -40.07
C THR E 144 -37.11 -35.82 -38.68
N SER E 145 -36.02 -35.19 -38.23
CA SER E 145 -35.99 -34.56 -36.93
C SER E 145 -35.36 -33.19 -37.01
N MET E 146 -35.72 -32.32 -36.07
CA MET E 146 -35.18 -30.97 -36.04
C MET E 146 -33.67 -31.00 -35.87
N TRP E 147 -33.18 -32.03 -35.19
CA TRP E 147 -31.75 -32.16 -34.93
C TRP E 147 -31.00 -32.65 -36.16
N ASP E 148 -31.72 -33.18 -37.15
CA ASP E 148 -31.09 -33.58 -38.40
C ASP E 148 -30.48 -32.37 -39.09
N GLY E 149 -29.27 -32.51 -39.61
CA GLY E 149 -28.62 -31.42 -40.31
C GLY E 149 -27.10 -31.51 -40.25
N GLN E 150 -26.46 -30.45 -40.75
CA GLN E 150 -25.01 -30.38 -40.80
C GLN E 150 -24.49 -29.53 -39.64
N TYR E 151 -23.68 -30.15 -38.78
CA TYR E 151 -23.07 -29.43 -37.66
C TYR E 151 -21.61 -29.16 -37.93
N THR E 152 -21.08 -28.18 -37.19
CA THR E 152 -19.65 -27.88 -37.20
C THR E 152 -19.22 -27.49 -35.80
N ARG E 153 -18.11 -28.04 -35.33
CA ARG E 153 -17.68 -27.86 -33.95
C ARG E 153 -17.37 -26.40 -33.63
N TYR E 154 -17.42 -26.06 -32.35
CA TYR E 154 -17.07 -24.71 -31.90
C TYR E 154 -15.58 -24.60 -31.62
N HIS E 155 -14.96 -23.54 -32.12
CA HIS E 155 -13.53 -23.34 -31.98
C HIS E 155 -13.15 -21.87 -31.84
N ALA E 156 -14.02 -20.98 -32.31
CA ALA E 156 -13.77 -19.54 -32.30
C ALA E 156 -13.12 -19.06 -31.00
N GLY E 157 -11.94 -18.47 -31.10
CA GLY E 157 -11.22 -18.01 -29.95
C GLY E 157 -9.89 -17.38 -30.32
N PRO F 24 13.31 2.21 0.40
CA PRO F 24 14.75 1.96 0.28
C PRO F 24 15.06 0.69 -0.52
N PRO F 25 16.10 0.72 -1.36
CA PRO F 25 16.44 -0.48 -2.16
C PRO F 25 16.91 -1.64 -1.29
N VAL F 26 16.83 -2.85 -1.83
CA VAL F 26 17.23 -4.04 -1.09
C VAL F 26 18.69 -3.99 -0.65
N GLN F 27 19.57 -3.60 -1.57
CA GLN F 27 21.01 -3.59 -1.30
C GLN F 27 21.37 -2.59 -0.20
N THR F 28 20.77 -1.39 -0.25
CA THR F 28 21.03 -0.36 0.75
C THR F 28 20.66 -0.85 2.14
N ALA F 29 19.59 -1.64 2.21
CA ALA F 29 19.12 -2.19 3.48
C ALA F 29 20.14 -3.18 4.03
N MET F 30 20.73 -3.98 3.15
CA MET F 30 21.74 -4.94 3.56
C MET F 30 22.93 -4.24 4.17
N ARG F 31 23.28 -3.09 3.62
CA ARG F 31 24.40 -2.31 4.12
C ARG F 31 24.12 -1.81 5.53
N ILE F 32 22.92 -1.27 5.73
CA ILE F 32 22.51 -0.79 7.03
C ILE F 32 22.41 -1.96 8.00
N ALA F 33 22.03 -3.12 7.48
CA ALA F 33 21.98 -4.34 8.27
C ALA F 33 23.39 -4.77 8.62
N LEU F 34 24.22 -4.89 7.60
CA LEU F 34 25.63 -5.25 7.77
C LEU F 34 26.31 -4.25 8.70
N TRP F 35 26.02 -2.97 8.50
CA TRP F 35 26.50 -1.90 9.37
C TRP F 35 26.08 -2.15 10.80
N ASN F 36 24.80 -2.46 10.99
CA ASN F 36 24.27 -2.75 12.31
C ASN F 36 25.03 -3.89 13.00
N ARG F 37 25.42 -4.90 12.22
CA ARG F 37 26.14 -6.04 12.78
C ARG F 37 27.57 -5.68 13.14
N ALA F 38 28.02 -4.51 12.70
CA ALA F 38 29.37 -4.05 12.98
C ALA F 38 29.41 -3.01 14.08
N THR F 39 28.25 -2.48 14.44
CA THR F 39 28.17 -1.45 15.47
C THR F 39 28.56 -2.00 16.83
N HIS F 40 27.72 -2.87 17.38
CA HIS F 40 27.92 -3.45 18.70
C HIS F 40 28.34 -4.92 18.59
N GLN F 43 31.19 -7.74 14.68
CA GLN F 43 31.42 -8.79 13.69
C GLN F 43 32.66 -8.49 12.87
N GLY F 44 33.33 -9.53 12.41
CA GLY F 44 34.62 -9.41 11.74
C GLY F 44 34.71 -8.35 10.65
N ALA F 45 33.78 -8.37 9.70
CA ALA F 45 33.91 -7.55 8.49
C ALA F 45 33.09 -6.26 8.54
N LEU F 46 33.69 -5.21 9.07
CA LEU F 46 33.27 -3.85 8.79
C LEU F 46 33.88 -3.48 7.45
N GLN F 47 34.94 -4.21 7.09
CA GLN F 47 35.65 -4.01 5.84
C GLN F 47 34.78 -4.31 4.63
N HIS F 48 33.74 -5.11 4.84
CA HIS F 48 32.88 -5.52 3.74
C HIS F 48 32.06 -4.33 3.22
N LEU F 49 31.74 -3.42 4.13
CA LEU F 49 31.05 -2.19 3.75
C LEU F 49 31.92 -1.34 2.83
N LEU F 50 33.20 -1.24 3.17
CA LEU F 50 34.14 -0.41 2.40
C LEU F 50 34.18 -0.79 0.93
N ALA F 51 33.88 -2.06 0.62
CA ALA F 51 33.91 -2.55 -0.74
C ALA F 51 33.01 -1.70 -1.64
N GLY F 52 33.58 -1.21 -2.74
CA GLY F 52 32.86 -0.37 -3.68
C GLY F 52 33.56 0.96 -3.90
N LEU F 53 32.87 1.89 -4.55
CA LEU F 53 33.45 3.18 -4.88
C LEU F 53 33.12 4.24 -3.85
N TRP F 54 34.00 5.22 -3.71
CA TRP F 54 33.81 6.33 -2.77
C TRP F 54 34.33 7.65 -3.33
N ILE F 55 33.45 8.64 -3.45
CA ILE F 55 33.82 9.97 -3.92
C ILE F 55 34.09 10.91 -2.75
N GLN F 56 35.11 11.75 -2.87
CA GLN F 56 35.42 12.70 -1.82
C GLN F 56 34.44 13.86 -1.85
N THR F 57 33.94 14.23 -0.67
CA THR F 57 32.94 15.28 -0.55
C THR F 57 33.57 16.66 -0.72
N ASP F 65 36.80 21.65 -10.11
CA ASP F 65 35.93 20.86 -9.25
C ASP F 65 36.10 19.37 -9.53
N ILE F 66 37.28 18.84 -9.20
CA ILE F 66 37.57 17.42 -9.39
C ILE F 66 37.54 16.68 -8.05
N HIS F 67 36.95 15.49 -8.07
CA HIS F 67 36.76 14.70 -6.86
C HIS F 67 37.65 13.47 -6.87
N PRO F 68 38.59 13.38 -5.90
CA PRO F 68 39.35 12.14 -5.73
C PRO F 68 38.45 10.95 -5.43
N LEU F 69 38.81 9.78 -5.98
CA LEU F 69 38.00 8.57 -5.82
C LEU F 69 38.76 7.50 -5.05
N LEU F 70 38.01 6.67 -4.35
CA LEU F 70 38.58 5.50 -3.68
C LEU F 70 37.75 4.27 -4.01
N PHE F 71 38.42 3.21 -4.46
CA PHE F 71 37.76 1.93 -4.67
C PHE F 71 38.45 0.81 -3.91
N PHE F 72 37.74 0.24 -2.94
CA PHE F 72 38.25 -0.89 -2.17
C PHE F 72 37.85 -2.18 -2.86
N ASP F 73 38.83 -2.88 -3.42
CA ASP F 73 38.58 -4.10 -4.18
C ASP F 73 38.68 -5.34 -3.29
N ARG F 74 37.54 -5.98 -3.07
CA ARG F 74 37.46 -7.13 -2.18
C ARG F 74 38.13 -8.36 -2.80
N GLU F 75 37.83 -8.61 -4.07
CA GLU F 75 38.34 -9.79 -4.76
C GLU F 75 39.86 -9.88 -4.73
N HIS F 76 40.53 -8.73 -4.82
CA HIS F 76 41.98 -8.71 -4.94
C HIS F 76 42.67 -7.97 -3.80
N ALA F 77 41.90 -7.60 -2.78
CA ALA F 77 42.45 -6.91 -1.62
C ALA F 77 43.28 -5.71 -2.04
N GLU F 78 42.63 -4.79 -2.75
CA GLU F 78 43.31 -3.64 -3.34
C GLU F 78 42.59 -2.34 -3.04
N ILE F 79 43.29 -1.22 -3.21
CA ILE F 79 42.67 0.09 -3.12
C ILE F 79 43.21 0.96 -4.26
N THR F 80 42.29 1.40 -5.12
CA THR F 80 42.65 2.24 -6.24
C THR F 80 42.37 3.70 -5.93
N PHE F 81 43.42 4.53 -6.02
CA PHE F 81 43.32 5.97 -5.75
C PHE F 81 43.34 6.72 -7.08
N SER F 82 42.26 7.43 -7.39
CA SER F 82 42.17 8.11 -8.68
C SER F 82 41.59 9.52 -8.59
N ARG F 83 42.31 10.48 -9.17
CA ARG F 83 41.81 11.83 -9.37
C ARG F 83 42.00 12.22 -10.84
N ALA F 84 40.96 11.97 -11.64
CA ALA F 84 40.97 12.30 -13.05
C ALA F 84 42.13 11.60 -13.78
N SER F 85 43.16 12.37 -14.17
CA SER F 85 44.33 11.81 -14.83
C SER F 85 45.02 10.79 -13.95
N VAL F 86 45.13 11.12 -12.67
CA VAL F 86 45.80 10.27 -11.70
C VAL F 86 45.05 8.96 -11.52
N GLN F 87 45.80 7.88 -11.40
CA GLN F 87 45.23 6.59 -11.03
C GLN F 87 46.35 5.66 -10.58
N GLU F 88 46.28 5.24 -9.32
CA GLU F 88 47.32 4.40 -8.73
C GLU F 88 46.65 3.29 -7.92
N ILE F 89 47.39 2.20 -7.73
CA ILE F 89 46.86 1.02 -7.04
C ILE F 89 47.79 0.58 -5.93
N PHE F 90 47.20 0.30 -4.76
CA PHE F 90 47.95 -0.14 -3.60
C PHE F 90 47.42 -1.49 -3.09
N LEU F 91 48.32 -2.47 -3.01
CA LEU F 91 47.97 -3.79 -2.51
C LEU F 91 47.96 -3.81 -0.99
N VAL F 92 46.87 -4.32 -0.41
CA VAL F 92 46.73 -4.34 1.04
C VAL F 92 47.54 -5.48 1.67
N ASP F 93 48.62 -5.12 2.37
CA ASP F 93 49.45 -6.10 3.05
C ASP F 93 48.78 -6.53 4.36
N SER F 94 48.04 -5.60 4.95
CA SER F 94 47.34 -5.89 6.21
C SER F 94 46.12 -4.99 6.34
N ALA F 95 45.12 -5.49 7.07
CA ALA F 95 43.87 -4.76 7.26
C ALA F 95 43.20 -5.20 8.55
N HIS F 96 43.24 -4.32 9.55
CA HIS F 96 42.66 -4.63 10.85
C HIS F 96 41.67 -3.55 11.28
N THR F 97 40.78 -3.91 12.20
CA THR F 97 39.65 -3.07 12.59
C THR F 97 39.63 -2.75 14.09
N HIS F 98 39.00 -1.64 14.43
CA HIS F 98 38.77 -1.26 15.82
C HIS F 98 37.67 -0.22 15.90
N ARG F 99 36.61 -0.54 16.62
CA ARG F 99 35.44 0.34 16.75
C ARG F 99 34.81 0.59 15.37
N LYS F 100 34.92 1.81 14.86
CA LYS F 100 34.34 2.18 13.57
C LYS F 100 35.40 2.66 12.59
N THR F 101 36.60 2.10 12.72
CA THR F 101 37.75 2.49 11.91
C THR F 101 38.47 1.26 11.36
N VAL F 102 38.92 1.36 10.11
CA VAL F 102 39.70 0.30 9.47
C VAL F 102 41.08 0.82 9.09
N SER F 103 42.11 0.15 9.61
CA SER F 103 43.49 0.53 9.33
C SER F 103 44.11 -0.40 8.30
N PHE F 104 44.67 0.19 7.25
CA PHE F 104 45.35 -0.56 6.21
C PHE F 104 46.82 -0.20 6.13
N LEU F 105 47.67 -1.20 5.99
CA LEU F 105 49.03 -0.99 5.49
C LEU F 105 49.03 -1.53 4.07
N THR F 106 49.28 -0.64 3.12
CA THR F 106 49.18 -0.98 1.71
C THR F 106 50.51 -0.71 1.02
N ARG F 107 50.63 -1.15 -0.22
CA ARG F 107 51.89 -1.11 -0.95
C ARG F 107 51.67 -0.94 -2.44
N ASN F 108 52.33 0.06 -3.01
CA ASN F 108 52.20 0.37 -4.43
C ASN F 108 52.62 -0.81 -5.31
N THR F 109 51.92 -0.98 -6.43
CA THR F 109 52.17 -2.11 -7.32
C THR F 109 53.47 -1.97 -8.12
N ALA F 110 53.83 -0.74 -8.45
CA ALA F 110 55.02 -0.48 -9.25
C ALA F 110 56.28 -0.47 -8.40
N ILE F 111 56.17 0.07 -7.18
CA ILE F 111 57.34 0.38 -6.37
C ILE F 111 57.16 -0.10 -4.92
N SER F 112 57.94 -1.12 -4.56
CA SER F 112 57.91 -1.69 -3.22
C SER F 112 58.33 -0.69 -2.16
N SER F 113 59.15 0.27 -2.58
CA SER F 113 59.65 1.28 -1.67
C SER F 113 58.54 2.22 -1.22
N ILE F 114 57.54 2.40 -2.08
CA ILE F 114 56.43 3.29 -1.78
C ILE F 114 55.25 2.53 -1.22
N ARG F 115 54.91 2.85 0.02
CA ARG F 115 53.79 2.23 0.72
C ARG F 115 52.89 3.32 1.27
N ARG F 116 51.68 2.96 1.68
CA ARG F 116 50.71 3.94 2.16
C ARG F 116 49.83 3.37 3.27
N ARG F 117 49.86 4.03 4.42
CA ARG F 117 49.02 3.67 5.56
C ARG F 117 47.70 4.42 5.51
N LEU F 118 46.61 3.71 5.77
CA LEU F 118 45.26 4.24 5.51
C LEU F 118 44.32 4.03 6.70
N GLU F 119 43.98 5.14 7.36
CA GLU F 119 42.96 5.13 8.40
C GLU F 119 41.62 5.49 7.78
N VAL F 120 40.68 4.53 7.79
CA VAL F 120 39.37 4.73 7.20
C VAL F 120 38.28 4.62 8.27
N THR F 121 37.73 5.76 8.65
CA THR F 121 36.76 5.85 9.74
C THR F 121 35.34 5.96 9.20
N PHE F 122 34.40 5.32 9.90
CA PHE F 122 32.99 5.35 9.49
C PHE F 122 32.16 6.33 10.31
N GLU F 123 31.50 7.26 9.62
CA GLU F 123 30.49 8.11 10.25
C GLU F 123 29.13 7.46 10.08
N SER F 124 29.00 6.68 9.00
CA SER F 124 27.82 5.86 8.77
C SER F 124 28.16 4.81 7.72
N HIS F 125 27.17 4.01 7.31
CA HIS F 125 27.41 2.87 6.42
C HIS F 125 27.89 3.29 5.04
N ALA F 126 27.64 4.55 4.68
CA ALA F 126 28.06 5.07 3.39
C ALA F 126 28.67 6.47 3.53
N VAL F 127 29.28 6.73 4.68
CA VAL F 127 30.01 7.97 4.91
C VAL F 127 31.27 7.67 5.71
N ILE F 128 32.42 8.09 5.19
CA ILE F 128 33.69 7.85 5.86
C ILE F 128 34.59 9.07 5.80
N HIS F 129 35.57 9.10 6.71
CA HIS F 129 36.63 10.08 6.66
C HIS F 129 37.96 9.33 6.57
N VAL F 130 38.75 9.66 5.56
CA VAL F 130 40.00 8.95 5.31
C VAL F 130 41.21 9.80 5.68
N ARG F 131 42.21 9.16 6.27
CA ARG F 131 43.45 9.82 6.67
C ARG F 131 44.64 8.99 6.19
N ALA F 132 45.29 9.46 5.12
CA ALA F 132 46.37 8.72 4.48
C ALA F 132 47.72 9.32 4.81
N VAL F 133 48.70 8.43 4.98
CA VAL F 133 50.07 8.82 5.29
C VAL F 133 51.09 8.01 4.49
N GLU F 134 51.91 8.71 3.72
CA GLU F 134 52.85 8.06 2.81
C GLU F 134 54.06 7.49 3.54
N ASP F 135 54.59 6.41 2.98
CA ASP F 135 55.81 5.78 3.51
C ASP F 135 56.72 5.37 2.35
N VAL F 136 57.83 6.08 2.20
CA VAL F 136 58.76 5.86 1.11
C VAL F 136 60.08 5.31 1.65
N ALA F 137 60.29 4.01 1.53
CA ALA F 137 61.50 3.37 2.03
C ALA F 137 61.65 3.61 3.53
N ARG F 138 60.59 3.28 4.28
CA ARG F 138 60.58 3.47 5.73
C ARG F 138 60.87 4.91 6.13
N LEU F 139 60.45 5.84 5.27
CA LEU F 139 60.53 7.27 5.55
C LEU F 139 59.12 7.86 5.54
N LYS F 140 58.48 7.87 6.71
CA LYS F 140 57.10 8.32 6.82
C LYS F 140 56.97 9.84 6.93
N ILE F 141 56.55 10.49 5.85
CA ILE F 141 56.15 11.88 5.95
C ILE F 141 54.72 11.90 6.49
N GLY F 142 54.47 12.77 7.47
CA GLY F 142 53.19 12.79 8.15
C GLY F 142 52.29 13.90 7.67
N SER F 143 52.66 14.51 6.54
CA SER F 143 51.90 15.63 6.00
C SER F 143 50.57 15.16 5.40
N THR F 144 49.66 16.11 5.23
CA THR F 144 48.36 15.83 4.64
C THR F 144 48.50 15.43 3.19
N SER F 145 47.64 14.52 2.75
CA SER F 145 47.65 14.05 1.37
C SER F 145 46.37 14.50 0.67
N MET F 146 46.38 14.44 -0.65
CA MET F 146 45.22 14.81 -1.46
C MET F 146 44.03 13.90 -1.14
N TRP F 147 44.31 12.75 -0.55
CA TRP F 147 43.31 11.74 -0.29
C TRP F 147 42.64 11.92 1.07
N ASP F 148 43.19 12.79 1.90
CA ASP F 148 42.57 13.10 3.18
C ASP F 148 41.26 13.84 2.98
N GLY F 149 40.22 13.45 3.73
CA GLY F 149 38.93 14.11 3.67
C GLY F 149 37.74 13.17 3.79
N GLN F 150 36.54 13.76 3.75
CA GLN F 150 35.32 12.98 3.84
C GLN F 150 34.97 12.37 2.49
N TYR F 151 34.53 11.11 2.51
CA TYR F 151 34.06 10.44 1.30
C TYR F 151 32.63 9.95 1.47
N THR F 152 31.96 9.76 0.34
CA THR F 152 30.61 9.21 0.33
C THR F 152 30.53 8.10 -0.73
N ARG F 153 30.01 6.95 -0.34
CA ARG F 153 29.87 5.83 -1.25
C ARG F 153 28.83 6.15 -2.31
N TYR F 154 29.10 5.75 -3.56
CA TYR F 154 28.18 6.05 -4.64
C TYR F 154 26.94 5.16 -4.58
N HIS F 155 25.82 5.70 -5.05
CA HIS F 155 24.57 4.95 -5.10
C HIS F 155 23.62 5.57 -6.13
N PRO G 25 33.73 32.81 44.93
CA PRO G 25 32.99 32.24 46.06
C PRO G 25 33.37 30.79 46.31
N VAL G 26 33.98 30.51 47.46
CA VAL G 26 34.41 29.16 47.80
C VAL G 26 33.22 28.21 47.83
N GLN G 27 32.05 28.75 48.17
CA GLN G 27 30.81 27.99 48.12
C GLN G 27 30.62 27.33 46.77
N THR G 28 30.32 28.13 45.76
CA THR G 28 30.06 27.65 44.41
C THR G 28 31.23 26.83 43.86
N ALA G 29 32.43 27.12 44.37
CA ALA G 29 33.63 26.44 43.87
C ALA G 29 33.69 25.00 44.36
N MET G 30 33.37 24.79 45.64
CA MET G 30 33.35 23.45 46.21
C MET G 30 32.22 22.62 45.61
N ARG G 31 31.13 23.28 45.22
CA ARG G 31 29.96 22.62 44.68
C ARG G 31 30.23 22.03 43.30
N ILE G 32 30.87 22.80 42.44
CA ILE G 32 31.17 22.34 41.09
C ILE G 32 32.23 21.25 41.13
N ALA G 33 33.17 21.37 42.06
CA ALA G 33 34.18 20.34 42.28
C ALA G 33 33.51 19.05 42.73
N LEU G 34 32.56 19.17 43.64
CA LEU G 34 31.79 18.04 44.12
C LEU G 34 30.95 17.47 42.99
N TRP G 35 30.26 18.36 42.29
CA TRP G 35 29.48 18.03 41.10
C TRP G 35 30.32 17.32 40.05
N ASN G 36 31.54 17.81 39.85
CA ASN G 36 32.46 17.24 38.89
C ASN G 36 32.72 15.76 39.14
N ARG G 37 32.69 15.36 40.40
CA ARG G 37 33.01 13.99 40.78
C ARG G 37 31.97 13.00 40.26
N ALA G 38 30.69 13.30 40.49
CA ALA G 38 29.61 12.38 40.15
C ALA G 38 29.29 12.37 38.66
N THR G 39 29.55 13.48 37.98
CA THR G 39 29.22 13.63 36.58
C THR G 39 29.83 12.53 35.71
N HIS G 40 30.91 11.93 36.19
CA HIS G 40 31.58 10.85 35.48
C HIS G 40 32.09 9.76 36.41
N GLY G 41 32.26 10.09 37.68
CA GLY G 41 32.76 9.14 38.66
C GLY G 41 31.65 8.22 39.15
N ALA G 45 28.32 9.47 45.64
CA ALA G 45 27.38 10.33 46.35
C ALA G 45 27.13 11.63 45.59
N LEU G 46 25.86 11.87 45.27
CA LEU G 46 25.44 13.10 44.59
C LEU G 46 24.37 13.81 45.43
N GLN G 47 23.68 13.03 46.26
CA GLN G 47 22.71 13.55 47.21
C GLN G 47 23.29 14.68 48.05
N HIS G 48 24.60 14.67 48.22
CA HIS G 48 25.27 15.67 49.03
C HIS G 48 25.03 17.07 48.47
N LEU G 49 24.72 17.14 47.18
CA LEU G 49 24.46 18.42 46.53
C LEU G 49 22.99 18.84 46.66
N LEU G 50 22.16 17.96 47.20
CA LEU G 50 20.76 18.29 47.46
C LEU G 50 20.60 19.03 48.78
N ALA G 51 21.54 18.82 49.69
CA ALA G 51 21.47 19.40 51.03
C ALA G 51 21.24 20.90 51.01
N GLY G 52 20.19 21.33 51.71
CA GLY G 52 19.90 22.75 51.88
C GLY G 52 18.55 23.17 51.35
N LEU G 53 18.40 24.46 51.09
CA LEU G 53 17.14 25.06 50.70
C LEU G 53 17.01 25.24 49.20
N TRP G 54 15.86 24.88 48.65
CA TRP G 54 15.57 25.03 47.23
C TRP G 54 14.25 25.77 47.04
N ILE G 55 14.18 26.62 46.02
CA ILE G 55 12.97 27.38 45.71
C ILE G 55 12.53 27.13 44.27
N GLN G 56 11.22 27.06 44.05
CA GLN G 56 10.66 26.77 42.73
C GLN G 56 10.73 27.98 41.82
N THR G 57 10.77 27.73 40.51
CA THR G 57 10.84 28.79 39.51
C THR G 57 9.45 29.10 38.95
N GLY G 64 0.05 37.84 43.84
CA GLY G 64 0.31 36.50 44.33
C GLY G 64 1.59 35.94 43.73
N ASP G 65 2.60 35.76 44.58
CA ASP G 65 3.89 35.28 44.13
C ASP G 65 4.49 34.29 45.14
N ILE G 66 3.80 33.17 45.34
CA ILE G 66 4.23 32.17 46.31
C ILE G 66 4.91 30.99 45.62
N HIS G 67 6.16 30.74 45.98
CA HIS G 67 6.93 29.65 45.40
C HIS G 67 6.97 28.46 46.36
N PRO G 68 6.75 27.25 45.84
CA PRO G 68 6.92 26.06 46.70
C PRO G 68 8.36 25.86 47.16
N LEU G 69 8.54 25.68 48.46
CA LEU G 69 9.86 25.48 49.05
C LEU G 69 10.13 24.01 49.35
N LEU G 70 11.35 23.57 49.03
CA LEU G 70 11.83 22.25 49.42
C LEU G 70 13.09 22.42 50.26
N PHE G 71 13.22 21.59 51.29
CA PHE G 71 14.46 21.54 52.05
C PHE G 71 14.87 20.09 52.29
N PHE G 72 16.08 19.75 51.83
CA PHE G 72 16.62 18.41 52.01
C PHE G 72 17.52 18.38 53.24
N ASP G 73 16.97 17.86 54.35
CA ASP G 73 17.70 17.81 55.62
C ASP G 73 18.46 16.49 55.75
N ARG G 74 19.58 16.41 55.04
CA ARG G 74 20.40 15.20 55.04
C ARG G 74 20.84 14.81 56.44
N GLU G 75 20.89 15.78 57.34
CA GLU G 75 21.31 15.51 58.71
C GLU G 75 20.22 14.68 59.41
N HIS G 76 18.98 14.87 59.02
CA HIS G 76 17.86 14.14 59.60
C HIS G 76 17.14 13.27 58.57
N ALA G 77 17.68 13.23 57.35
CA ALA G 77 17.08 12.46 56.27
C ALA G 77 15.60 12.76 56.12
N GLU G 78 15.28 14.05 56.03
CA GLU G 78 13.90 14.51 55.93
C GLU G 78 13.74 15.52 54.80
N ILE G 79 12.60 15.47 54.13
CA ILE G 79 12.26 16.45 53.10
C ILE G 79 11.05 17.27 53.56
N THR G 80 11.31 18.52 53.95
CA THR G 80 10.27 19.40 54.44
C THR G 80 9.71 20.24 53.30
N PHE G 81 8.40 20.12 53.08
CA PHE G 81 7.71 20.85 52.03
C PHE G 81 7.06 22.10 52.60
N SER G 82 6.88 23.14 51.79
CA SER G 82 6.24 24.35 52.29
C SER G 82 5.84 25.34 51.20
N ARG G 83 4.56 25.73 51.25
CA ARG G 83 4.05 26.82 50.41
C ARG G 83 3.13 27.69 51.25
N ALA G 84 3.72 28.68 51.93
CA ALA G 84 2.96 29.61 52.77
C ALA G 84 2.25 28.87 53.91
N SER G 85 0.92 28.76 53.81
CA SER G 85 0.14 28.07 54.83
C SER G 85 0.55 26.60 54.88
N VAL G 86 0.86 26.05 53.71
CA VAL G 86 1.27 24.66 53.61
C VAL G 86 2.66 24.48 54.20
N GLN G 87 2.78 23.51 55.08
CA GLN G 87 4.09 23.05 55.56
C GLN G 87 3.98 21.65 56.14
N GLU G 88 4.87 20.77 55.68
CA GLU G 88 4.79 19.36 56.02
C GLU G 88 6.13 18.70 55.78
N ILE G 89 6.34 17.57 56.45
CA ILE G 89 7.62 16.88 56.42
C ILE G 89 7.41 15.41 56.05
N PHE G 90 8.34 14.89 55.24
CA PHE G 90 8.29 13.50 54.81
C PHE G 90 9.64 12.82 55.05
N LEU G 91 9.60 11.74 55.84
CA LEU G 91 10.79 10.98 56.17
C LEU G 91 11.25 10.10 55.03
N VAL G 92 12.52 10.24 54.66
CA VAL G 92 13.09 9.48 53.55
C VAL G 92 13.35 8.03 53.94
N ASP G 93 12.56 7.12 53.37
CA ASP G 93 12.73 5.69 53.60
C ASP G 93 13.81 5.11 52.69
N SER G 94 14.02 5.74 51.54
CA SER G 94 15.04 5.30 50.60
C SER G 94 15.51 6.44 49.71
N ALA G 95 16.78 6.36 49.30
CA ALA G 95 17.35 7.31 48.36
C ALA G 95 18.32 6.58 47.44
N HIS G 96 18.02 6.58 46.14
CA HIS G 96 18.81 5.83 45.17
C HIS G 96 19.20 6.70 43.97
N THR G 97 20.49 6.67 43.64
CA THR G 97 21.05 7.53 42.60
C THR G 97 21.53 6.72 41.40
N HIS G 98 20.93 7.00 40.24
CA HIS G 98 21.34 6.40 38.97
C HIS G 98 21.61 7.53 37.98
N ARG G 99 22.85 7.63 37.53
CA ARG G 99 23.32 8.70 36.67
C ARG G 99 23.25 10.05 37.40
N LYS G 100 22.33 10.93 36.98
CA LYS G 100 22.24 12.27 37.57
C LYS G 100 20.91 12.50 38.28
N THR G 101 20.03 11.49 38.23
CA THR G 101 18.72 11.57 38.89
C THR G 101 18.74 10.91 40.26
N VAL G 102 18.10 11.56 41.24
CA VAL G 102 18.01 11.06 42.60
C VAL G 102 16.55 10.78 42.96
N SER G 103 16.26 9.52 43.29
CA SER G 103 14.89 9.08 43.55
C SER G 103 14.64 8.89 45.05
N PHE G 104 13.63 9.57 45.57
CA PHE G 104 13.25 9.47 46.98
C PHE G 104 11.92 8.76 47.20
N LEU G 105 11.92 7.79 48.11
CA LEU G 105 10.68 7.23 48.65
C LEU G 105 10.57 7.70 50.09
N THR G 106 9.62 8.60 50.35
CA THR G 106 9.52 9.24 51.65
C THR G 106 8.20 8.87 52.34
N ARG G 107 8.02 9.36 53.57
CA ARG G 107 6.83 9.05 54.35
C ARG G 107 6.46 10.17 55.31
N ASN G 108 5.18 10.52 55.33
CA ASN G 108 4.69 11.61 56.16
C ASN G 108 4.90 11.33 57.65
N THR G 109 5.43 12.32 58.36
CA THR G 109 5.76 12.18 59.78
C THR G 109 4.54 11.99 60.66
N ALA G 110 3.42 12.56 60.26
CA ALA G 110 2.20 12.51 61.06
C ALA G 110 1.41 11.22 60.81
N ILE G 111 1.32 10.81 59.55
CA ILE G 111 0.53 9.64 59.17
C ILE G 111 1.29 8.76 58.17
N SER G 112 1.55 7.52 58.59
CA SER G 112 2.39 6.61 57.81
C SER G 112 1.73 6.14 56.52
N SER G 113 0.40 6.19 56.48
CA SER G 113 -0.35 5.73 55.31
C SER G 113 -0.12 6.65 54.13
N ILE G 114 0.21 7.90 54.41
CA ILE G 114 0.43 8.91 53.37
C ILE G 114 1.91 9.00 53.04
N ARG G 115 2.28 8.53 51.86
CA ARG G 115 3.67 8.54 51.43
C ARG G 115 3.82 9.37 50.15
N ARG G 116 5.04 9.79 49.86
CA ARG G 116 5.31 10.63 48.71
C ARG G 116 6.61 10.24 48.03
N ARG G 117 6.54 10.07 46.72
CA ARG G 117 7.73 9.74 45.92
C ARG G 117 8.26 10.99 45.25
N LEU G 118 9.58 11.11 45.23
CA LEU G 118 10.23 12.30 44.69
C LEU G 118 11.28 11.91 43.66
N GLU G 119 11.05 12.32 42.42
CA GLU G 119 12.03 12.16 41.35
C GLU G 119 12.72 13.49 41.12
N VAL G 120 14.04 13.50 41.28
CA VAL G 120 14.81 14.74 41.27
C VAL G 120 15.95 14.68 40.26
N THR G 121 15.93 15.57 39.28
CA THR G 121 16.90 15.53 38.17
C THR G 121 17.85 16.73 38.21
N PHE G 122 19.15 16.45 38.34
CA PHE G 122 20.16 17.49 38.36
C PHE G 122 20.50 18.01 36.96
N GLU G 123 20.24 19.30 36.74
CA GLU G 123 20.66 19.97 35.52
C GLU G 123 22.04 20.56 35.73
N SER G 124 22.16 21.39 36.76
CA SER G 124 23.44 21.93 37.17
C SER G 124 23.65 21.61 38.64
N HIS G 125 24.66 22.21 39.25
CA HIS G 125 25.00 21.92 40.64
C HIS G 125 24.04 22.61 41.60
N ALA G 126 23.46 23.72 41.16
CA ALA G 126 22.52 24.48 41.98
C ALA G 126 21.16 24.60 41.29
N VAL G 127 20.90 23.69 40.37
CA VAL G 127 19.63 23.67 39.65
C VAL G 127 19.17 22.23 39.42
N ILE G 128 17.87 22.00 39.61
CA ILE G 128 17.27 20.68 39.47
C ILE G 128 15.84 20.77 38.94
N HIS G 129 15.38 19.72 38.27
CA HIS G 129 13.97 19.61 37.90
C HIS G 129 13.34 18.48 38.72
N VAL G 130 12.24 18.79 39.40
CA VAL G 130 11.65 17.88 40.37
C VAL G 130 10.30 17.35 39.91
N ARG G 131 10.07 16.06 40.15
CA ARG G 131 8.79 15.42 39.90
C ARG G 131 8.37 14.64 41.14
N ALA G 132 7.23 15.03 41.71
CA ALA G 132 6.74 14.44 42.94
C ALA G 132 5.43 13.70 42.68
N VAL G 133 5.19 12.62 43.43
CA VAL G 133 3.95 11.86 43.30
C VAL G 133 3.41 11.47 44.67
N GLU G 134 2.13 11.73 44.89
CA GLU G 134 1.48 11.43 46.15
C GLU G 134 1.18 9.94 46.22
N ASP G 135 1.01 9.38 47.42
CA ASP G 135 0.69 7.95 47.56
C ASP G 135 -0.01 7.67 48.88
N VAL G 136 -1.33 7.52 48.80
CA VAL G 136 -2.14 7.04 49.92
C VAL G 136 -2.62 5.62 49.63
N ALA G 137 -1.83 4.91 48.83
CA ALA G 137 -2.19 3.57 48.37
C ALA G 137 -3.53 3.61 47.62
N THR G 144 -0.82 16.18 37.97
CA THR G 144 0.35 17.00 38.22
C THR G 144 0.42 17.44 39.68
N SER G 145 1.62 17.40 40.25
CA SER G 145 1.83 17.78 41.65
C SER G 145 2.22 19.25 41.78
N MET G 146 1.82 19.88 42.87
CA MET G 146 2.10 21.30 43.09
C MET G 146 3.58 21.56 43.34
N TRP G 147 4.33 20.49 43.58
CA TRP G 147 5.76 20.58 43.86
C TRP G 147 6.59 20.32 42.61
N ASP G 148 5.91 19.97 41.51
CA ASP G 148 6.60 19.75 40.24
C ASP G 148 7.07 21.06 39.65
N GLY G 149 8.27 21.05 39.07
CA GLY G 149 8.83 22.23 38.44
C GLY G 149 10.35 22.29 38.58
N GLN G 150 10.93 23.37 38.10
CA GLN G 150 12.36 23.60 38.22
C GLN G 150 12.65 24.24 39.57
N TYR G 151 13.81 23.91 40.14
CA TYR G 151 14.22 24.49 41.42
C TYR G 151 15.65 25.02 41.37
N THR G 152 15.89 26.07 42.15
CA THR G 152 17.21 26.69 42.24
C THR G 152 17.58 26.92 43.70
N ARG G 153 18.67 26.27 44.13
CA ARG G 153 19.10 26.33 45.52
C ARG G 153 19.33 27.77 45.96
N TYR G 154 19.05 28.06 47.22
CA TYR G 154 19.25 29.39 47.75
C TYR G 154 20.73 29.67 47.97
N HIS G 155 21.15 30.87 47.58
CA HIS G 155 22.53 31.30 47.77
C HIS G 155 22.55 32.77 48.19
N ALA G 156 22.31 33.65 47.22
CA ALA G 156 22.22 35.09 47.45
C ALA G 156 23.32 35.61 48.37
N PRO H 25 20.45 25.89 -8.00
CA PRO H 25 21.88 25.61 -8.06
C PRO H 25 22.51 26.13 -9.35
N VAL H 26 23.63 26.82 -9.22
CA VAL H 26 24.25 27.51 -10.35
C VAL H 26 24.89 26.56 -11.35
N GLN H 27 25.75 25.67 -10.86
CA GLN H 27 26.57 24.81 -11.72
C GLN H 27 25.75 24.03 -12.74
N THR H 28 24.66 23.40 -12.30
CA THR H 28 23.81 22.63 -13.19
C THR H 28 23.11 23.53 -14.21
N ALA H 29 22.82 24.76 -13.81
CA ALA H 29 22.17 25.72 -14.70
C ALA H 29 23.12 26.16 -15.79
N MET H 30 24.41 26.12 -15.50
CA MET H 30 25.43 26.47 -16.49
C MET H 30 25.49 25.40 -17.58
N ARG H 31 25.32 24.15 -17.17
CA ARG H 31 25.37 23.03 -18.10
C ARG H 31 24.20 23.11 -19.09
N ILE H 32 23.03 23.45 -18.60
CA ILE H 32 21.86 23.57 -19.46
C ILE H 32 22.04 24.73 -20.43
N ALA H 33 22.60 25.83 -19.93
CA ALA H 33 22.88 26.99 -20.76
C ALA H 33 23.81 26.61 -21.90
N LEU H 34 24.94 26.01 -21.55
CA LEU H 34 25.93 25.55 -22.52
C LEU H 34 25.35 24.48 -23.44
N TRP H 35 24.41 23.69 -22.90
CA TRP H 35 23.78 22.62 -23.65
C TRP H 35 22.85 23.17 -24.73
N ASN H 36 22.10 24.20 -24.38
CA ASN H 36 21.20 24.83 -25.34
C ASN H 36 21.96 25.43 -26.51
N ARG H 37 23.16 25.94 -26.22
CA ARG H 37 24.01 26.53 -27.24
C ARG H 37 24.43 25.50 -28.28
N ALA H 38 24.44 24.23 -27.89
CA ALA H 38 24.89 23.14 -28.75
C ALA H 38 23.72 22.48 -29.49
N THR H 39 22.59 22.35 -28.80
CA THR H 39 21.43 21.66 -29.34
C THR H 39 21.02 22.19 -30.70
N HIS H 40 20.75 23.48 -30.78
CA HIS H 40 20.30 24.12 -32.01
C HIS H 40 21.38 25.01 -32.60
N GLY H 41 22.15 25.64 -31.72
CA GLY H 41 23.17 26.58 -32.15
C GLY H 41 24.33 25.91 -32.86
N GLU H 42 24.75 24.76 -32.32
CA GLU H 42 25.90 24.04 -32.85
C GLU H 42 27.17 24.88 -32.66
N GLN H 43 27.39 25.31 -31.41
CA GLN H 43 28.56 26.11 -31.08
C GLN H 43 29.83 25.24 -31.14
N GLY H 44 30.98 25.90 -31.15
CA GLY H 44 32.26 25.23 -31.30
C GLY H 44 32.53 24.06 -30.38
N ALA H 45 31.83 24.00 -29.25
CA ALA H 45 32.12 22.97 -28.24
C ALA H 45 30.90 22.32 -27.63
N LEU H 46 30.77 21.01 -27.88
CA LEU H 46 29.86 20.15 -27.14
C LEU H 46 30.68 19.28 -26.21
N GLN H 47 31.98 19.19 -26.52
CA GLN H 47 32.92 18.41 -25.73
C GLN H 47 33.10 18.99 -24.33
N HIS H 48 32.83 20.28 -24.18
CA HIS H 48 32.97 20.95 -22.90
C HIS H 48 32.04 20.34 -21.86
N LEU H 49 30.94 19.76 -22.33
CA LEU H 49 29.98 19.11 -21.45
C LEU H 49 30.46 17.73 -21.00
N LEU H 50 31.43 17.17 -21.71
CA LEU H 50 31.91 15.82 -21.40
C LEU H 50 32.89 15.81 -20.23
N ALA H 51 33.56 16.94 -20.00
CA ALA H 51 34.55 17.04 -18.94
C ALA H 51 33.98 16.60 -17.60
N GLY H 52 34.74 15.74 -16.91
CA GLY H 52 34.37 15.30 -15.57
C GLY H 52 34.12 13.81 -15.47
N LEU H 53 33.44 13.42 -14.39
CA LEU H 53 33.21 12.02 -14.08
C LEU H 53 31.82 11.56 -14.54
N TRP H 54 31.77 10.36 -15.10
CA TRP H 54 30.52 9.77 -15.58
C TRP H 54 30.41 8.31 -15.14
N ILE H 55 29.36 7.98 -14.40
CA ILE H 55 29.12 6.60 -13.96
C ILE H 55 28.12 5.91 -14.88
N GLN H 56 28.38 4.63 -15.19
CA GLN H 56 27.49 3.88 -16.06
C GLN H 56 26.21 3.51 -15.33
N THR H 57 25.08 3.54 -16.05
CA THR H 57 23.79 3.17 -15.49
C THR H 57 23.55 1.67 -15.62
N ASP H 65 26.37 -4.33 -7.97
CA ASP H 65 27.56 -4.74 -8.72
C ASP H 65 28.47 -3.55 -9.00
N ILE H 66 29.44 -3.72 -9.90
CA ILE H 66 30.43 -2.69 -10.19
C ILE H 66 30.05 -1.87 -11.43
N HIS H 67 30.06 -0.54 -11.28
CA HIS H 67 29.76 0.39 -12.36
C HIS H 67 31.05 0.77 -13.11
N PRO H 68 31.08 0.63 -14.44
CA PRO H 68 32.17 1.21 -15.22
C PRO H 68 32.22 2.72 -15.04
N LEU H 69 33.43 3.27 -15.06
CA LEU H 69 33.64 4.70 -14.84
C LEU H 69 34.39 5.33 -15.99
N LEU H 70 33.81 6.40 -16.54
CA LEU H 70 34.46 7.22 -17.55
C LEU H 70 34.82 8.58 -16.96
N PHE H 71 36.03 9.05 -17.26
CA PHE H 71 36.40 10.41 -16.91
C PHE H 71 37.10 11.06 -18.09
N PHE H 72 36.42 12.04 -18.69
CA PHE H 72 36.98 12.79 -19.80
C PHE H 72 37.82 13.94 -19.27
N ASP H 73 39.14 13.77 -19.33
CA ASP H 73 40.07 14.75 -18.80
C ASP H 73 40.37 15.82 -19.84
N ARG H 74 39.59 16.90 -19.79
CA ARG H 74 39.68 17.99 -20.74
C ARG H 74 41.08 18.59 -20.78
N GLU H 75 41.62 18.88 -19.60
CA GLU H 75 42.92 19.51 -19.46
C GLU H 75 44.00 18.82 -20.29
N HIS H 76 44.16 17.52 -20.07
CA HIS H 76 45.25 16.77 -20.70
C HIS H 76 44.77 15.97 -21.91
N ALA H 77 43.55 16.25 -22.35
CA ALA H 77 42.98 15.58 -23.52
C ALA H 77 43.09 14.07 -23.37
N GLU H 78 42.55 13.56 -22.27
CA GLU H 78 42.66 12.15 -21.92
C GLU H 78 41.34 11.58 -21.45
N ILE H 79 41.14 10.29 -21.69
CA ILE H 79 39.99 9.57 -21.18
C ILE H 79 40.48 8.40 -20.34
N THR H 80 39.93 8.26 -19.15
CA THR H 80 40.25 7.14 -18.27
C THR H 80 39.06 6.19 -18.19
N PHE H 81 39.36 4.90 -18.36
CA PHE H 81 38.35 3.86 -18.24
C PHE H 81 38.70 3.00 -17.03
N SER H 82 37.81 2.99 -16.03
CA SER H 82 38.08 2.24 -14.80
C SER H 82 36.87 1.47 -14.28
N ARG H 83 37.09 0.18 -14.03
CA ARG H 83 36.08 -0.66 -13.38
C ARG H 83 36.79 -1.53 -12.35
N ALA H 84 36.84 -1.02 -11.11
CA ALA H 84 37.47 -1.71 -10.01
C ALA H 84 38.95 -1.96 -10.28
N SER H 85 39.33 -3.23 -10.48
CA SER H 85 40.71 -3.58 -10.77
C SER H 85 41.10 -3.13 -12.17
N VAL H 86 40.11 -2.95 -13.02
CA VAL H 86 40.33 -2.40 -14.34
C VAL H 86 40.51 -0.89 -14.22
N GLN H 87 41.62 -0.38 -14.73
CA GLN H 87 41.82 1.06 -14.85
C GLN H 87 42.90 1.32 -15.89
N GLU H 88 42.59 2.20 -16.84
CA GLU H 88 43.45 2.45 -17.98
C GLU H 88 43.18 3.82 -18.58
N ILE H 89 44.16 4.35 -19.30
CA ILE H 89 44.08 5.70 -19.86
C ILE H 89 44.28 5.67 -21.37
N PHE H 90 43.58 6.57 -22.06
CA PHE H 90 43.70 6.68 -23.51
C PHE H 90 43.90 8.13 -23.93
N LEU H 91 45.01 8.40 -24.61
CA LEU H 91 45.31 9.72 -25.13
C LEU H 91 44.44 10.05 -26.33
N VAL H 92 43.64 11.09 -26.21
CA VAL H 92 42.79 11.53 -27.31
C VAL H 92 43.64 12.09 -28.45
N ASP H 93 43.62 11.42 -29.59
CA ASP H 93 44.31 11.90 -30.77
C ASP H 93 43.44 12.90 -31.51
N SER H 94 42.26 12.46 -31.90
CA SER H 94 41.29 13.31 -32.58
C SER H 94 39.96 13.28 -31.86
N ALA H 95 39.20 14.35 -32.02
CA ALA H 95 37.85 14.44 -31.47
C ALA H 95 37.04 15.43 -32.30
N HIS H 96 35.87 15.00 -32.75
CA HIS H 96 35.03 15.84 -33.60
C HIS H 96 33.55 15.57 -33.36
N THR H 97 32.78 16.65 -33.33
CA THR H 97 31.35 16.57 -33.05
C THR H 97 30.52 16.50 -34.33
N HIS H 98 29.28 16.05 -34.17
CA HIS H 98 28.30 16.06 -35.24
C HIS H 98 26.92 15.87 -34.64
N ARG H 99 26.05 16.85 -34.85
CA ARG H 99 24.71 16.86 -34.28
C ARG H 99 24.79 16.87 -32.75
N LYS H 100 24.48 15.74 -32.11
CA LYS H 100 24.57 15.61 -30.66
C LYS H 100 25.53 14.49 -30.29
N THR H 101 26.45 14.19 -31.20
CA THR H 101 27.36 13.07 -31.05
C THR H 101 28.81 13.52 -31.09
N VAL H 102 29.58 13.09 -30.09
CA VAL H 102 31.02 13.33 -30.06
C VAL H 102 31.75 12.01 -30.34
N SER H 103 32.68 12.05 -31.29
CA SER H 103 33.44 10.86 -31.67
C SER H 103 34.92 11.01 -31.30
N PHE H 104 35.51 9.95 -30.76
CA PHE H 104 36.90 9.97 -30.32
C PHE H 104 37.75 8.90 -30.98
N LEU H 105 38.91 9.32 -31.50
CA LEU H 105 39.99 8.40 -31.82
C LEU H 105 41.03 8.54 -30.72
N THR H 106 41.20 7.48 -29.93
CA THR H 106 42.08 7.53 -28.77
C THR H 106 43.14 6.44 -28.83
N ARG H 107 44.14 6.55 -27.97
CA ARG H 107 45.32 5.70 -28.03
C ARG H 107 45.83 5.38 -26.63
N ASN H 108 46.04 4.10 -26.36
CA ASN H 108 46.47 3.65 -25.03
C ASN H 108 47.86 4.15 -24.70
N THR H 109 48.04 4.58 -23.45
CA THR H 109 49.28 5.17 -23.01
C THR H 109 50.39 4.13 -22.86
N ALA H 110 50.02 2.93 -22.44
CA ALA H 110 51.01 1.88 -22.22
C ALA H 110 51.55 1.34 -23.54
N ILE H 111 50.68 1.21 -24.53
CA ILE H 111 51.08 0.68 -25.84
C ILE H 111 50.35 1.40 -26.97
N SER H 112 51.11 1.89 -27.94
CA SER H 112 50.57 2.66 -29.05
C SER H 112 49.72 1.81 -29.98
N SER H 113 49.95 0.50 -29.96
CA SER H 113 49.26 -0.43 -30.83
C SER H 113 47.76 -0.48 -30.58
N ILE H 114 47.38 -0.36 -29.32
CA ILE H 114 46.00 -0.49 -28.90
C ILE H 114 45.27 0.84 -28.90
N ARG H 115 44.31 0.98 -29.81
CA ARG H 115 43.54 2.20 -29.95
C ARG H 115 42.06 1.89 -29.72
N ARG H 116 41.32 2.91 -29.28
CA ARG H 116 39.92 2.73 -28.92
C ARG H 116 39.06 3.86 -29.48
N ARG H 117 38.10 3.49 -30.32
CA ARG H 117 37.16 4.46 -30.87
C ARG H 117 35.96 4.56 -29.93
N LEU H 118 35.33 5.74 -29.92
CA LEU H 118 34.33 6.07 -28.92
C LEU H 118 33.19 6.89 -29.52
N GLU H 119 31.97 6.35 -29.43
CA GLU H 119 30.78 7.05 -29.91
C GLU H 119 29.92 7.47 -28.72
N VAL H 120 29.97 8.76 -28.41
CA VAL H 120 29.32 9.30 -27.21
C VAL H 120 28.13 10.19 -27.57
N THR H 121 26.93 9.62 -27.45
CA THR H 121 25.71 10.32 -27.83
C THR H 121 25.05 10.95 -26.62
N PHE H 122 24.74 12.24 -26.73
CA PHE H 122 24.15 12.98 -25.62
C PHE H 122 22.62 12.93 -25.61
N GLU H 123 22.06 12.28 -24.61
CA GLU H 123 20.63 12.28 -24.38
C GLU H 123 20.25 13.57 -23.67
N SER H 124 21.09 13.98 -22.73
CA SER H 124 20.95 15.27 -22.07
C SER H 124 22.32 15.69 -21.53
N HIS H 125 22.37 16.86 -20.90
CA HIS H 125 23.66 17.43 -20.46
C HIS H 125 24.35 16.55 -19.44
N ALA H 126 23.57 15.77 -18.69
CA ALA H 126 24.11 14.90 -17.65
C ALA H 126 23.75 13.44 -17.92
N VAL H 127 23.51 13.12 -19.19
CA VAL H 127 23.16 11.77 -19.59
C VAL H 127 23.70 11.48 -21.00
N ILE H 128 24.44 10.37 -21.12
CA ILE H 128 25.01 9.98 -22.41
C ILE H 128 24.95 8.48 -22.63
N HIS H 129 24.78 8.07 -23.88
CA HIS H 129 24.90 6.67 -24.26
C HIS H 129 26.23 6.49 -24.99
N VAL H 130 27.03 5.54 -24.50
CA VAL H 130 28.38 5.33 -25.03
C VAL H 130 28.48 4.01 -25.78
N ARG H 131 29.23 4.03 -26.88
CA ARG H 131 29.50 2.83 -27.68
C ARG H 131 30.97 2.83 -28.05
N ALA H 132 31.71 1.84 -27.56
CA ALA H 132 33.16 1.80 -27.73
C ALA H 132 33.59 0.56 -28.52
N VAL H 133 34.69 0.70 -29.25
CA VAL H 133 35.28 -0.41 -29.99
C VAL H 133 36.80 -0.36 -29.86
N GLU H 134 37.40 -1.51 -29.57
CA GLU H 134 38.85 -1.59 -29.42
C GLU H 134 39.52 -1.79 -30.78
N ASP H 135 40.74 -1.30 -30.91
CA ASP H 135 41.50 -1.40 -32.15
C ASP H 135 42.94 -1.78 -31.87
N VAL H 136 43.24 -3.07 -32.02
CA VAL H 136 44.61 -3.58 -31.97
C VAL H 136 45.16 -3.64 -33.39
N ALA H 137 44.46 -2.95 -34.30
CA ALA H 137 44.62 -3.11 -35.74
C ALA H 137 44.12 -4.47 -36.22
N SER H 143 32.47 -6.32 -32.02
CA SER H 143 31.58 -6.84 -30.99
C SER H 143 31.39 -5.82 -29.87
N THR H 144 30.50 -6.14 -28.92
CA THR H 144 30.20 -5.25 -27.80
C THR H 144 31.40 -5.12 -26.87
N SER H 145 31.21 -4.38 -25.78
CA SER H 145 32.29 -4.14 -24.83
C SER H 145 31.76 -3.80 -23.43
N MET H 146 32.67 -3.83 -22.45
CA MET H 146 32.31 -3.61 -21.06
C MET H 146 32.10 -2.12 -20.75
N TRP H 147 32.22 -1.29 -21.78
CA TRP H 147 32.07 0.16 -21.63
C TRP H 147 30.82 0.68 -22.35
N ASP H 148 30.27 -0.13 -23.25
CA ASP H 148 29.05 0.25 -23.96
C ASP H 148 27.91 0.43 -22.98
N GLY H 149 27.09 1.46 -23.21
CA GLY H 149 25.89 1.66 -22.41
C GLY H 149 25.68 3.10 -21.98
N GLN H 150 24.73 3.27 -21.06
CA GLN H 150 24.30 4.59 -20.60
C GLN H 150 25.17 5.08 -19.46
N TYR H 151 25.47 6.37 -19.45
CA TYR H 151 26.24 6.99 -18.38
C TYR H 151 25.58 8.29 -17.94
N THR H 152 25.77 8.64 -16.66
CA THR H 152 25.25 9.90 -16.12
C THR H 152 26.33 10.63 -15.36
N ARG H 153 26.41 11.94 -15.54
CA ARG H 153 27.45 12.74 -14.89
C ARG H 153 27.24 12.79 -13.39
N TYR H 154 28.33 12.76 -12.64
CA TYR H 154 28.24 12.79 -11.19
C TYR H 154 27.94 14.19 -10.68
N HIS H 155 26.86 14.31 -9.91
CA HIS H 155 26.46 15.57 -9.31
C HIS H 155 26.61 15.54 -7.79
N PRO I 24 -20.10 -7.07 -44.61
CA PRO I 24 -20.47 -7.51 -43.26
C PRO I 24 -21.97 -7.81 -43.14
N PRO I 25 -22.35 -8.81 -42.33
CA PRO I 25 -23.78 -9.16 -42.21
C PRO I 25 -24.63 -8.00 -41.68
N VAL I 26 -25.85 -7.90 -42.18
CA VAL I 26 -26.78 -6.85 -41.77
C VAL I 26 -27.02 -6.89 -40.27
N GLN I 27 -27.13 -8.10 -39.72
CA GLN I 27 -27.43 -8.27 -38.31
C GLN I 27 -26.39 -7.65 -37.40
N THR I 28 -25.11 -7.76 -37.77
CA THR I 28 -24.03 -7.16 -37.00
C THR I 28 -24.17 -5.64 -36.98
N ALA I 29 -24.57 -5.08 -38.12
CA ALA I 29 -24.82 -3.64 -38.21
C ALA I 29 -26.03 -3.30 -37.35
N MET I 30 -27.11 -4.06 -37.53
CA MET I 30 -28.31 -3.88 -36.74
C MET I 30 -28.00 -3.96 -35.25
N ARG I 31 -26.98 -4.75 -34.91
CA ARG I 31 -26.53 -4.87 -33.52
C ARG I 31 -25.76 -3.62 -33.09
N ILE I 32 -24.93 -3.09 -33.99
CA ILE I 32 -24.20 -1.86 -33.70
C ILE I 32 -25.17 -0.68 -33.66
N ALA I 33 -26.11 -0.65 -34.60
CA ALA I 33 -27.11 0.40 -34.67
C ALA I 33 -27.93 0.45 -33.39
N LEU I 34 -28.42 -0.71 -32.96
CA LEU I 34 -29.20 -0.80 -31.73
C LEU I 34 -28.35 -0.45 -30.52
N TRP I 35 -27.06 -0.79 -30.58
CA TRP I 35 -26.14 -0.50 -29.49
C TRP I 35 -25.89 1.01 -29.38
N ASN I 36 -25.91 1.69 -30.52
CA ASN I 36 -25.74 3.13 -30.54
C ASN I 36 -26.88 3.86 -29.82
N ARG I 37 -28.09 3.31 -29.91
CA ARG I 37 -29.26 3.93 -29.31
C ARG I 37 -29.37 3.65 -27.82
N ALA I 38 -28.53 2.76 -27.32
CA ALA I 38 -28.61 2.33 -25.92
C ALA I 38 -27.53 2.96 -25.05
N THR I 39 -26.52 3.55 -25.69
CA THR I 39 -25.45 4.22 -24.95
C THR I 39 -25.85 5.63 -24.57
N LEU I 46 -31.87 -2.22 -24.26
CA LEU I 46 -30.58 -2.90 -24.29
C LEU I 46 -30.74 -4.40 -24.04
N GLN I 47 -31.79 -4.76 -23.32
CA GLN I 47 -32.08 -6.18 -23.06
C GLN I 47 -32.27 -6.94 -24.36
N HIS I 48 -32.61 -6.21 -25.41
CA HIS I 48 -32.75 -6.81 -26.74
C HIS I 48 -31.42 -7.42 -27.17
N LEU I 49 -30.33 -6.71 -26.90
CA LEU I 49 -29.00 -7.18 -27.29
C LEU I 49 -28.63 -8.49 -26.62
N LEU I 50 -29.16 -8.74 -25.43
CA LEU I 50 -28.83 -9.97 -24.71
C LEU I 50 -29.46 -11.19 -25.38
N ALA I 51 -30.54 -10.98 -26.13
CA ALA I 51 -31.22 -12.07 -26.82
C ALA I 51 -30.26 -12.82 -27.73
N GLY I 52 -30.10 -14.12 -27.49
CA GLY I 52 -29.23 -14.95 -28.31
C GLY I 52 -28.43 -15.94 -27.48
N LEU I 53 -27.35 -16.44 -28.07
CA LEU I 53 -26.47 -17.40 -27.42
C LEU I 53 -25.13 -16.76 -27.08
N TRP I 54 -24.65 -17.01 -25.88
CA TRP I 54 -23.42 -16.39 -25.37
C TRP I 54 -22.49 -17.41 -24.73
N ILE I 55 -21.30 -17.56 -25.29
CA ILE I 55 -20.33 -18.54 -24.82
C ILE I 55 -19.25 -17.87 -23.96
N GLN I 56 -18.90 -18.51 -22.85
CA GLN I 56 -17.90 -17.96 -21.94
C GLN I 56 -16.50 -18.06 -22.54
N THR I 57 -15.79 -16.93 -22.53
CA THR I 57 -14.40 -16.89 -22.98
C THR I 57 -13.47 -17.34 -21.87
N ASP I 65 -11.91 -28.54 -22.48
CA ASP I 65 -12.21 -27.22 -23.04
C ASP I 65 -13.71 -26.98 -23.08
N ILE I 66 -14.34 -27.09 -21.92
CA ILE I 66 -15.78 -26.90 -21.80
C ILE I 66 -16.10 -25.45 -21.44
N HIS I 67 -17.00 -24.84 -22.20
CA HIS I 67 -17.40 -23.46 -21.98
C HIS I 67 -18.81 -23.39 -21.38
N PRO I 68 -18.96 -22.60 -20.29
CA PRO I 68 -20.33 -22.31 -19.83
C PRO I 68 -21.12 -21.50 -20.86
N LEU I 69 -22.39 -21.86 -21.04
CA LEU I 69 -23.24 -21.21 -22.03
C LEU I 69 -24.39 -20.45 -21.36
N LEU I 70 -24.75 -19.31 -21.93
CA LEU I 70 -25.89 -18.53 -21.48
C LEU I 70 -26.77 -18.13 -22.66
N PHE I 71 -27.97 -18.70 -22.73
CA PHE I 71 -28.93 -18.31 -23.77
C PHE I 71 -30.08 -17.51 -23.16
N PHE I 72 -30.24 -16.28 -23.62
CA PHE I 72 -31.32 -15.42 -23.15
C PHE I 72 -32.54 -15.56 -24.06
N ASP I 73 -33.55 -16.26 -23.55
CA ASP I 73 -34.76 -16.54 -24.33
C ASP I 73 -35.75 -15.39 -24.18
N ARG I 74 -35.77 -14.50 -25.17
CA ARG I 74 -36.63 -13.34 -25.17
C ARG I 74 -38.10 -13.72 -25.31
N GLU I 75 -38.36 -14.68 -26.19
CA GLU I 75 -39.72 -15.12 -26.49
C GLU I 75 -40.49 -15.59 -25.26
N HIS I 76 -39.77 -16.00 -24.22
CA HIS I 76 -40.39 -16.60 -23.05
C HIS I 76 -39.85 -16.02 -21.75
N ALA I 77 -39.05 -14.97 -21.86
CA ALA I 77 -38.43 -14.35 -20.68
C ALA I 77 -37.77 -15.40 -19.80
N GLU I 78 -36.72 -16.01 -20.33
CA GLU I 78 -36.09 -17.17 -19.70
C GLU I 78 -34.60 -17.20 -20.03
N ILE I 79 -33.79 -17.63 -19.05
CA ILE I 79 -32.36 -17.78 -19.26
C ILE I 79 -31.92 -19.21 -18.94
N THR I 80 -31.35 -19.86 -19.93
CA THR I 80 -30.91 -21.24 -19.81
C THR I 80 -29.40 -21.30 -19.57
N PHE I 81 -29.01 -22.10 -18.58
CA PHE I 81 -27.61 -22.25 -18.21
C PHE I 81 -27.16 -23.66 -18.58
N SER I 82 -26.07 -23.76 -19.34
CA SER I 82 -25.59 -25.09 -19.75
C SER I 82 -24.06 -25.18 -19.79
N ARG I 83 -23.55 -26.31 -19.33
CA ARG I 83 -22.14 -26.63 -19.38
C ARG I 83 -22.01 -28.14 -19.46
N ALA I 84 -21.90 -28.67 -20.69
CA ALA I 84 -21.93 -30.10 -20.90
C ALA I 84 -23.26 -30.67 -20.39
N SER I 85 -23.18 -31.75 -19.60
CA SER I 85 -24.38 -32.39 -19.09
C SER I 85 -25.20 -31.44 -18.21
N VAL I 86 -24.56 -30.39 -17.72
CA VAL I 86 -25.28 -29.35 -17.01
C VAL I 86 -26.23 -28.64 -17.96
N GLN I 87 -27.51 -28.60 -17.60
CA GLN I 87 -28.48 -27.80 -18.33
C GLN I 87 -29.68 -27.52 -17.43
N GLU I 88 -29.88 -26.24 -17.13
CA GLU I 88 -30.94 -25.80 -16.24
C GLU I 88 -31.45 -24.44 -16.68
N ILE I 89 -32.72 -24.16 -16.42
CA ILE I 89 -33.37 -22.94 -16.89
C ILE I 89 -33.89 -22.09 -15.74
N PHE I 90 -33.87 -20.78 -15.94
CA PHE I 90 -34.34 -19.83 -14.93
C PHE I 90 -35.30 -18.82 -15.53
N LEU I 91 -36.51 -18.77 -15.00
CA LEU I 91 -37.51 -17.82 -15.45
C LEU I 91 -37.18 -16.42 -14.98
N VAL I 92 -37.32 -15.45 -15.88
CA VAL I 92 -37.08 -14.05 -15.53
C VAL I 92 -38.28 -13.46 -14.80
N ASP I 93 -38.08 -13.12 -13.53
CA ASP I 93 -39.15 -12.52 -12.73
C ASP I 93 -39.14 -11.00 -12.88
N SER I 94 -37.95 -10.42 -12.85
CA SER I 94 -37.79 -8.99 -13.05
C SER I 94 -36.46 -8.69 -13.74
N ALA I 95 -36.41 -7.57 -14.45
CA ALA I 95 -35.21 -7.18 -15.18
C ALA I 95 -35.14 -5.66 -15.36
N HIS I 96 -34.14 -5.05 -14.73
CA HIS I 96 -33.91 -3.61 -14.86
C HIS I 96 -32.57 -3.34 -15.53
N THR I 97 -32.50 -2.21 -16.24
CA THR I 97 -31.27 -1.80 -16.91
C THR I 97 -30.74 -0.52 -16.28
N HIS I 98 -29.44 -0.48 -16.00
CA HIS I 98 -28.81 0.67 -15.37
C HIS I 98 -27.46 0.96 -16.03
N ARG I 99 -27.32 2.16 -16.60
CA ARG I 99 -26.14 2.53 -17.38
C ARG I 99 -25.86 1.48 -18.46
N LYS I 100 -24.82 0.69 -18.28
CA LYS I 100 -24.49 -0.40 -19.21
C LYS I 100 -24.59 -1.75 -18.51
N THR I 101 -25.53 -1.86 -17.58
CA THR I 101 -25.68 -3.06 -16.76
C THR I 101 -27.13 -3.48 -16.60
N VAL I 102 -27.41 -4.74 -16.93
CA VAL I 102 -28.76 -5.30 -16.77
C VAL I 102 -28.77 -6.29 -15.61
N SER I 103 -29.74 -6.12 -14.71
CA SER I 103 -29.83 -6.96 -13.52
C SER I 103 -31.11 -7.79 -13.54
N PHE I 104 -30.94 -9.10 -13.52
CA PHE I 104 -32.08 -10.03 -13.53
C PHE I 104 -32.30 -10.67 -12.16
N LEU I 105 -33.57 -10.77 -11.78
CA LEU I 105 -33.98 -11.62 -10.68
C LEU I 105 -34.72 -12.80 -11.30
N THR I 106 -34.15 -13.98 -11.16
CA THR I 106 -34.66 -15.16 -11.86
C THR I 106 -34.96 -16.30 -10.90
N ARG I 107 -35.72 -17.29 -11.37
CA ARG I 107 -36.22 -18.35 -10.52
C ARG I 107 -36.18 -19.70 -11.22
N ASN I 108 -35.76 -20.73 -10.50
CA ASN I 108 -35.67 -22.08 -11.05
C ASN I 108 -37.06 -22.58 -11.47
N THR I 109 -37.12 -23.16 -12.66
CA THR I 109 -38.39 -23.57 -13.26
C THR I 109 -39.07 -24.68 -12.48
N ALA I 110 -38.28 -25.53 -11.84
CA ALA I 110 -38.82 -26.66 -11.09
C ALA I 110 -39.16 -26.26 -9.66
N ILE I 111 -38.36 -25.37 -9.09
CA ILE I 111 -38.44 -25.05 -7.67
C ILE I 111 -38.30 -23.56 -7.42
N SER I 112 -39.40 -22.92 -7.03
CA SER I 112 -39.41 -21.49 -6.74
C SER I 112 -38.46 -21.11 -5.62
N SER I 113 -38.21 -22.07 -4.72
CA SER I 113 -37.35 -21.83 -3.56
C SER I 113 -35.93 -21.45 -3.97
N ILE I 114 -35.49 -21.99 -5.11
CA ILE I 114 -34.15 -21.71 -5.62
C ILE I 114 -34.21 -20.65 -6.71
N ARG I 115 -33.71 -19.46 -6.36
CA ARG I 115 -33.67 -18.33 -7.28
C ARG I 115 -32.23 -17.92 -7.52
N ARG I 116 -32.02 -16.96 -8.41
CA ARG I 116 -30.68 -16.59 -8.84
C ARG I 116 -30.62 -15.16 -9.36
N ARG I 117 -29.85 -14.32 -8.67
CA ARG I 117 -29.65 -12.95 -9.11
C ARG I 117 -28.52 -12.91 -10.13
N LEU I 118 -28.69 -12.07 -11.15
CA LEU I 118 -27.76 -12.02 -12.26
C LEU I 118 -27.35 -10.60 -12.59
N GLU I 119 -26.04 -10.35 -12.62
CA GLU I 119 -25.50 -9.06 -13.02
C GLU I 119 -24.83 -9.20 -14.38
N VAL I 120 -25.36 -8.49 -15.38
CA VAL I 120 -24.85 -8.58 -16.74
C VAL I 120 -24.41 -7.20 -17.22
N THR I 121 -23.12 -7.06 -17.54
CA THR I 121 -22.55 -5.78 -17.91
C THR I 121 -21.92 -5.83 -19.30
N PHE I 122 -22.37 -4.94 -20.18
CA PHE I 122 -21.86 -4.88 -21.54
C PHE I 122 -20.57 -4.08 -21.64
N GLU I 123 -19.53 -4.72 -22.16
CA GLU I 123 -18.30 -4.02 -22.53
C GLU I 123 -18.45 -3.54 -23.98
N SER I 124 -19.20 -4.30 -24.75
CA SER I 124 -19.52 -3.96 -26.13
C SER I 124 -20.74 -4.78 -26.56
N HIS I 125 -21.18 -4.62 -27.81
CA HIS I 125 -22.46 -5.17 -28.23
C HIS I 125 -22.50 -6.70 -28.21
N ALA I 126 -21.36 -7.33 -28.50
CA ALA I 126 -21.28 -8.79 -28.53
C ALA I 126 -20.36 -9.34 -27.43
N VAL I 127 -20.14 -8.53 -26.40
CA VAL I 127 -19.29 -8.93 -25.27
C VAL I 127 -19.87 -8.42 -23.95
N ILE I 128 -19.94 -9.29 -22.96
CA ILE I 128 -20.52 -8.94 -21.67
C ILE I 128 -19.68 -9.51 -20.51
N HIS I 129 -20.06 -9.12 -19.28
CA HIS I 129 -19.48 -9.71 -18.08
C HIS I 129 -20.60 -10.10 -17.13
N VAL I 130 -20.53 -11.33 -16.63
CA VAL I 130 -21.60 -11.90 -15.83
C VAL I 130 -21.18 -12.19 -14.39
N ARG I 131 -22.05 -11.82 -13.45
CA ARG I 131 -21.90 -12.20 -12.06
C ARG I 131 -23.22 -12.75 -11.55
N ALA I 132 -23.20 -14.03 -11.14
CA ALA I 132 -24.40 -14.71 -10.67
C ALA I 132 -24.28 -15.03 -9.19
N VAL I 133 -25.37 -14.82 -8.46
CA VAL I 133 -25.42 -15.12 -7.04
C VAL I 133 -26.65 -15.94 -6.70
N GLU I 134 -26.43 -17.15 -6.20
CA GLU I 134 -27.52 -18.05 -5.85
C GLU I 134 -28.37 -17.48 -4.74
N ASP I 135 -29.64 -17.87 -4.73
CA ASP I 135 -30.55 -17.52 -3.65
C ASP I 135 -31.53 -18.66 -3.41
N VAL I 136 -31.27 -19.41 -2.35
CA VAL I 136 -32.04 -20.60 -2.04
C VAL I 136 -32.87 -20.37 -0.76
N ALA I 137 -34.17 -20.24 -0.94
CA ALA I 137 -35.09 -19.92 0.15
C ALA I 137 -34.67 -18.63 0.86
N ARG I 138 -34.44 -17.58 0.07
CA ARG I 138 -34.01 -16.29 0.60
C ARG I 138 -32.72 -16.41 1.39
N THR I 144 -18.16 -17.07 -5.36
CA THR I 144 -18.40 -16.92 -6.79
C THR I 144 -19.38 -17.98 -7.29
N SER I 145 -19.50 -18.08 -8.61
CA SER I 145 -20.30 -19.13 -9.24
C SER I 145 -19.63 -19.60 -10.52
N MET I 146 -19.90 -20.84 -10.92
CA MET I 146 -19.28 -21.42 -12.11
C MET I 146 -19.71 -20.68 -13.39
N TRP I 147 -20.73 -19.84 -13.26
CA TRP I 147 -21.27 -19.08 -14.39
C TRP I 147 -20.60 -17.71 -14.55
N ASP I 148 -19.90 -17.27 -13.50
CA ASP I 148 -19.27 -15.96 -13.50
C ASP I 148 -18.20 -15.84 -14.58
N GLY I 149 -18.11 -14.66 -15.19
CA GLY I 149 -17.04 -14.37 -16.14
C GLY I 149 -17.51 -13.70 -17.41
N GLN I 150 -16.59 -13.54 -18.35
CA GLN I 150 -16.85 -12.88 -19.62
C GLN I 150 -17.54 -13.82 -20.59
N TYR I 151 -18.51 -13.30 -21.34
CA TYR I 151 -19.20 -14.06 -22.36
C TYR I 151 -19.17 -13.30 -23.68
N THR I 152 -19.21 -14.05 -24.78
CA THR I 152 -19.26 -13.46 -26.12
C THR I 152 -20.35 -14.12 -26.95
N ARG I 153 -21.12 -13.31 -27.66
CA ARG I 153 -22.24 -13.80 -28.42
C ARG I 153 -21.79 -14.63 -29.62
N TYR I 154 -22.58 -15.63 -29.97
CA TYR I 154 -22.32 -16.42 -31.17
C TYR I 154 -22.68 -15.60 -32.40
N HIS I 155 -21.97 -15.83 -33.49
CA HIS I 155 -22.19 -15.06 -34.72
C HIS I 155 -21.66 -15.77 -35.97
N ALA I 156 -20.64 -16.59 -35.81
CA ALA I 156 -19.93 -17.24 -36.92
C ALA I 156 -20.88 -17.79 -38.00
N GLY I 157 -20.49 -17.61 -39.25
CA GLY I 157 -21.28 -18.09 -40.38
C GLY I 157 -20.61 -17.77 -41.70
#